data_9DG5
#
_entry.id   9DG5
#
_cell.length_a   153.764
_cell.length_b   153.764
_cell.length_c   87.207
_cell.angle_alpha   90.00
_cell.angle_beta   90.00
_cell.angle_gamma   120.00
#
_symmetry.space_group_name_H-M   'P 31 2 1'
#
loop_
_entity.id
_entity.type
_entity.pdbx_description
1 polymer 'Threonylcarbamoyl-AMP synthase'
2 non-polymer "ADENOSINE-5'-TRIPHOSPHATE"
3 non-polymer THREONINE
4 non-polymer 'MAGNESIUM ION'
5 non-polymer 'ACETATE ION'
6 non-polymer 'TETRAETHYLENE GLYCOL'
7 non-polymer DI(HYDROXYETHYL)ETHER
8 non-polymer GLYCEROL
9 water water
#
_entity_poly.entity_id   1
_entity_poly.type   'polypeptide(L)'
_entity_poly.pdbx_seq_one_letter_code
;GSHMASTRVLKVDPLFPDEKVLKEAAELLRNGEVIIFPTETVYGIGADAYNEEACKKIFKLKERPADNPLIVHIHSFKQL
EEIAEGYEPHLDFLKKFWPGPLTVIFRKKSEKIPPVVTADLPTVAVRMPAHPVALKLIELFGHPIAAPSANISGRPSATN
VKHVIEDFMGKVKLIIDAGDTPFGLESTIVDLTKEKPVLLRPGPVEVERLKELFPELVVPDFVRKGNFKGRPLAPGMKYR
HYAPLKPLILVEDLTKMEEVLKKYPDHVVICVEERKELYDDRIVVGSLKNPYSIAQNIFSALREAEKMGKEYIIVEGFEE
RGILFAVMNRLRKAATEIVR
;
_entity_poly.pdbx_strand_id   A,B
#
loop_
_chem_comp.id
_chem_comp.type
_chem_comp.name
_chem_comp.formula
ACT non-polymer 'ACETATE ION' 'C2 H3 O2 -1'
ATP non-polymer ADENOSINE-5'-TRIPHOSPHATE 'C10 H16 N5 O13 P3'
GOL non-polymer GLYCEROL 'C3 H8 O3'
MG non-polymer 'MAGNESIUM ION' 'Mg 2'
PEG non-polymer DI(HYDROXYETHYL)ETHER 'C4 H10 O3'
PG4 non-polymer 'TETRAETHYLENE GLYCOL' 'C8 H18 O5'
#
# COMPACT_ATOMS: atom_id res chain seq x y z
N SER A 6 6.13 21.18 16.98
CA SER A 6 7.20 21.05 15.92
C SER A 6 7.16 19.67 15.24
N THR A 7 6.26 19.53 14.27
CA THR A 7 5.71 18.26 13.73
C THR A 7 6.63 17.62 12.69
N ARG A 8 6.93 16.33 12.84
CA ARG A 8 7.58 15.50 11.79
C ARG A 8 6.51 14.72 11.03
N VAL A 9 6.63 14.74 9.69
CA VAL A 9 5.79 13.98 8.73
C VAL A 9 6.70 12.95 8.07
N LEU A 10 6.46 11.67 8.33
CA LEU A 10 7.34 10.60 7.81
C LEU A 10 6.53 9.75 6.83
N LYS A 11 7.00 9.68 5.58
CA LYS A 11 6.37 8.87 4.50
C LYS A 11 6.76 7.41 4.72
N VAL A 12 5.82 6.47 4.72
CA VAL A 12 6.13 5.02 4.71
C VAL A 12 5.30 4.32 3.63
N ASP A 13 5.83 3.20 3.16
CA ASP A 13 5.11 2.26 2.28
C ASP A 13 3.91 1.67 3.03
N PRO A 14 2.71 1.55 2.43
CA PRO A 14 1.57 0.98 3.14
C PRO A 14 1.69 -0.53 3.38
N LEU A 15 2.45 -1.25 2.56
CA LEU A 15 2.52 -2.74 2.56
C LEU A 15 3.62 -3.24 3.51
N PHE A 16 4.81 -2.63 3.40
CA PHE A 16 6.07 -3.00 4.12
C PHE A 16 6.67 -1.71 4.65
N PRO A 17 6.06 -1.10 5.68
CA PRO A 17 6.57 0.15 6.20
C PRO A 17 7.92 -0.12 6.90
N ASP A 18 8.80 0.86 6.75
CA ASP A 18 10.12 0.95 7.43
C ASP A 18 9.90 0.82 8.94
N GLU A 19 10.34 -0.29 9.56
CA GLU A 19 10.09 -0.60 10.99
C GLU A 19 10.84 0.40 11.89
N LYS A 20 11.85 1.14 11.40
CA LYS A 20 12.55 2.23 12.14
C LYS A 20 11.64 3.44 12.32
N VAL A 21 10.82 3.77 11.33
CA VAL A 21 9.80 4.85 11.48
C VAL A 21 8.75 4.43 12.52
N LEU A 22 8.31 3.16 12.51
CA LEU A 22 7.29 2.67 13.46
C LEU A 22 7.87 2.63 14.89
N LYS A 23 9.14 2.25 15.06
CA LYS A 23 9.79 2.21 16.41
C LYS A 23 9.75 3.64 16.98
N GLU A 24 10.00 4.63 16.15
CA GLU A 24 9.99 6.03 16.63
C GLU A 24 8.58 6.42 17.08
N ALA A 25 7.57 6.04 16.32
CA ALA A 25 6.16 6.29 16.70
C ALA A 25 5.85 5.54 18.00
N ALA A 26 6.24 4.26 18.10
CA ALA A 26 6.05 3.41 19.31
C ALA A 26 6.71 4.08 20.53
N GLU A 27 7.90 4.65 20.35
CA GLU A 27 8.64 5.33 21.45
C GLU A 27 7.83 6.53 21.95
N LEU A 28 7.22 7.29 21.03
N LEU A 28 7.22 7.29 21.04
CA LEU A 28 6.41 8.47 21.38
CA LEU A 28 6.41 8.48 21.38
C LEU A 28 5.14 8.01 22.11
C LEU A 28 5.15 8.01 22.13
N LEU A 29 4.53 6.89 21.70
CA LEU A 29 3.36 6.30 22.40
C LEU A 29 3.76 5.87 23.82
N ARG A 30 4.95 5.30 24.00
CA ARG A 30 5.44 4.89 25.34
C ARG A 30 5.63 6.13 26.23
N ASN A 31 6.01 7.26 25.64
CA ASN A 31 6.21 8.53 26.38
C ASN A 31 4.88 9.21 26.67
N GLY A 32 3.77 8.57 26.30
CA GLY A 32 2.40 9.08 26.56
C GLY A 32 2.04 10.21 25.62
N GLU A 33 2.69 10.27 24.46
CA GLU A 33 2.43 11.29 23.41
C GLU A 33 1.36 10.78 22.46
N VAL A 34 0.78 11.72 21.73
CA VAL A 34 -0.27 11.45 20.71
C VAL A 34 0.37 11.52 19.33
N ILE A 35 0.09 10.55 18.47
CA ILE A 35 0.61 10.55 17.08
C ILE A 35 -0.57 10.34 16.13
N ILE A 36 -0.35 10.58 14.84
CA ILE A 36 -1.36 10.37 13.76
C ILE A 36 -0.80 9.32 12.80
N PHE A 37 -1.63 8.35 12.44
CA PHE A 37 -1.24 7.18 11.63
C PHE A 37 -2.37 6.81 10.68
N PRO A 38 -2.06 6.24 9.51
CA PRO A 38 -3.08 5.83 8.56
C PRO A 38 -3.78 4.53 8.97
N THR A 39 -4.98 4.28 8.44
CA THR A 39 -5.66 2.96 8.44
C THR A 39 -6.31 2.78 7.07
N GLU A 40 -6.98 1.66 6.83
CA GLU A 40 -7.64 1.41 5.53
C GLU A 40 -8.88 2.32 5.37
N THR A 41 -9.36 2.96 6.46
CA THR A 41 -10.62 3.75 6.50
C THR A 41 -10.28 5.24 6.44
N VAL A 42 -9.94 5.82 7.58
CA VAL A 42 -9.49 7.24 7.70
C VAL A 42 -8.24 7.24 8.59
N TYR A 43 -7.50 8.34 8.59
CA TYR A 43 -6.35 8.51 9.50
C TYR A 43 -6.89 8.59 10.93
N GLY A 44 -6.10 8.06 11.88
CA GLY A 44 -6.37 8.09 13.32
C GLY A 44 -5.42 9.02 14.07
N ILE A 45 -5.93 9.61 15.14
CA ILE A 45 -5.13 10.38 16.14
C ILE A 45 -5.18 9.57 17.44
N GLY A 46 -4.07 8.91 17.78
CA GLY A 46 -4.06 7.84 18.79
C GLY A 46 -3.07 8.09 19.91
N ALA A 47 -3.34 7.37 20.99
CA ALA A 47 -2.51 7.25 22.20
C ALA A 47 -2.61 5.83 22.78
N ASP A 48 -1.68 5.51 23.68
CA ASP A 48 -1.69 4.30 24.56
C ASP A 48 -3.08 4.16 25.21
N ALA A 49 -3.87 3.19 24.77
CA ALA A 49 -5.23 2.89 25.30
C ALA A 49 -5.23 2.58 26.81
N TYR A 50 -4.10 2.18 27.40
CA TYR A 50 -3.98 1.90 28.85
C TYR A 50 -3.45 3.14 29.58
N ASN A 51 -3.16 4.25 28.88
CA ASN A 51 -2.62 5.51 29.48
C ASN A 51 -3.74 6.56 29.54
N GLU A 52 -4.36 6.69 30.72
CA GLU A 52 -5.41 7.69 31.07
C GLU A 52 -5.00 9.10 30.61
N GLU A 53 -3.87 9.63 31.06
CA GLU A 53 -3.45 11.05 30.80
C GLU A 53 -3.26 11.26 29.30
N ALA A 54 -2.67 10.28 28.61
CA ALA A 54 -2.31 10.39 27.19
C ALA A 54 -3.60 10.46 26.34
N CYS A 55 -4.60 9.67 26.71
CA CYS A 55 -5.90 9.64 26.02
C CYS A 55 -6.64 10.96 26.26
N LYS A 56 -6.48 11.57 27.45
CA LYS A 56 -7.07 12.89 27.74
C LYS A 56 -6.54 13.93 26.74
N LYS A 57 -5.28 13.82 26.31
CA LYS A 57 -4.68 14.78 25.35
C LYS A 57 -5.42 14.68 24.02
N ILE A 58 -5.83 13.48 23.61
CA ILE A 58 -6.61 13.27 22.36
C ILE A 58 -7.83 14.19 22.40
N PHE A 59 -8.61 14.11 23.49
CA PHE A 59 -9.87 14.89 23.69
C PHE A 59 -9.55 16.38 23.50
N LYS A 60 -8.42 16.85 24.04
CA LYS A 60 -8.09 18.29 23.97
C LYS A 60 -7.63 18.65 22.57
N LEU A 61 -6.75 17.84 21.98
CA LEU A 61 -6.28 18.11 20.61
C LEU A 61 -7.47 18.13 19.65
N LYS A 62 -8.48 17.30 19.88
CA LYS A 62 -9.66 17.23 18.97
C LYS A 62 -10.66 18.35 19.28
N GLU A 63 -10.62 18.94 20.48
CA GLU A 63 -11.61 19.92 20.99
C GLU A 63 -12.92 19.14 21.22
N ARG A 64 -12.83 17.99 21.88
CA ARG A 64 -13.87 16.91 21.86
C ARG A 64 -14.57 16.82 23.22
N PRO A 65 -15.89 16.62 23.24
CA PRO A 65 -16.59 16.38 24.51
C PRO A 65 -16.17 15.07 25.18
N ALA A 66 -16.02 15.07 26.52
CA ALA A 66 -15.61 13.92 27.36
C ALA A 66 -16.55 12.72 27.11
N ASP A 67 -17.84 12.95 26.87
CA ASP A 67 -18.87 11.88 26.85
C ASP A 67 -18.85 11.13 25.50
N ASN A 68 -17.86 11.38 24.64
CA ASN A 68 -17.72 10.70 23.32
C ASN A 68 -16.57 9.69 23.36
N PRO A 69 -16.86 8.37 23.47
CA PRO A 69 -15.84 7.35 23.72
C PRO A 69 -15.00 7.00 22.49
N LEU A 70 -13.89 6.31 22.75
CA LEU A 70 -12.76 6.11 21.80
C LEU A 70 -12.73 4.65 21.34
N ILE A 71 -12.47 4.41 20.06
CA ILE A 71 -12.30 3.04 19.50
C ILE A 71 -10.87 2.57 19.80
N VAL A 72 -10.78 1.38 20.38
CA VAL A 72 -9.48 0.76 20.74
C VAL A 72 -9.03 -0.13 19.57
N HIS A 73 -7.84 0.16 19.04
CA HIS A 73 -7.32 -0.60 17.89
C HIS A 73 -6.38 -1.72 18.39
N ILE A 74 -6.60 -2.94 17.92
CA ILE A 74 -5.82 -4.13 18.37
C ILE A 74 -5.19 -4.79 17.14
N HIS A 75 -4.21 -5.66 17.35
CA HIS A 75 -3.54 -6.34 16.21
C HIS A 75 -3.80 -7.86 16.26
N SER A 76 -4.34 -8.41 17.34
CA SER A 76 -4.40 -9.88 17.51
C SER A 76 -5.69 -10.30 18.22
N PHE A 77 -6.13 -11.53 17.98
CA PHE A 77 -7.29 -12.10 18.71
C PHE A 77 -6.92 -12.28 20.18
N LYS A 78 -5.65 -12.50 20.49
CA LYS A 78 -5.23 -12.59 21.90
C LYS A 78 -5.48 -11.26 22.62
N GLN A 79 -5.25 -10.13 21.95
CA GLN A 79 -5.52 -8.81 22.59
C GLN A 79 -7.03 -8.61 22.85
N LEU A 80 -7.88 -9.13 21.98
CA LEU A 80 -9.34 -9.03 22.17
C LEU A 80 -9.70 -9.61 23.54
N GLU A 81 -9.07 -10.74 23.87
CA GLU A 81 -9.27 -11.53 25.11
C GLU A 81 -8.79 -10.73 26.36
N GLU A 82 -7.81 -9.84 26.21
CA GLU A 82 -7.32 -8.98 27.33
C GLU A 82 -8.35 -7.88 27.65
N ILE A 83 -9.16 -7.43 26.68
CA ILE A 83 -9.93 -6.15 26.82
C ILE A 83 -11.46 -6.37 26.80
N ALA A 84 -11.96 -7.47 26.25
CA ALA A 84 -13.40 -7.70 26.03
C ALA A 84 -13.81 -9.11 26.52
N GLU A 85 -15.08 -9.30 26.89
CA GLU A 85 -15.62 -10.66 27.20
C GLU A 85 -17.00 -10.84 26.58
N GLY A 86 -17.38 -12.10 26.36
CA GLY A 86 -18.71 -12.53 25.86
C GLY A 86 -18.78 -12.52 24.34
N TYR A 87 -17.62 -12.45 23.68
CA TYR A 87 -17.51 -12.35 22.20
C TYR A 87 -17.46 -13.76 21.59
N GLU A 88 -17.17 -14.77 22.41
CA GLU A 88 -16.84 -16.16 21.97
C GLU A 88 -17.88 -16.61 20.92
N PRO A 89 -19.20 -16.45 21.15
CA PRO A 89 -20.17 -16.88 20.14
C PRO A 89 -20.11 -16.08 18.82
N HIS A 90 -19.34 -14.99 18.72
CA HIS A 90 -19.19 -14.17 17.49
C HIS A 90 -17.79 -14.30 16.86
N LEU A 91 -16.92 -15.18 17.39
CA LEU A 91 -15.53 -15.37 16.89
C LEU A 91 -15.51 -15.76 15.39
N ASP A 92 -16.39 -16.67 14.95
CA ASP A 92 -16.54 -17.06 13.52
C ASP A 92 -16.62 -15.80 12.67
N PHE A 93 -17.48 -14.87 13.11
CA PHE A 93 -17.85 -13.62 12.39
C PHE A 93 -16.64 -12.67 12.42
N LEU A 94 -16.03 -12.49 13.60
CA LEU A 94 -14.82 -11.66 13.77
C LEU A 94 -13.70 -12.18 12.86
N LYS A 95 -13.44 -13.49 12.89
CA LYS A 95 -12.37 -14.13 12.09
C LYS A 95 -12.65 -13.94 10.59
N LYS A 96 -13.91 -13.75 10.18
CA LYS A 96 -14.35 -13.56 8.76
C LYS A 96 -14.13 -12.09 8.34
N PHE A 97 -14.24 -11.10 9.24
CA PHE A 97 -14.17 -9.67 8.85
C PHE A 97 -12.89 -8.97 9.38
N TRP A 98 -12.08 -9.60 10.21
CA TRP A 98 -10.88 -8.99 10.85
C TRP A 98 -9.63 -9.72 10.38
N PRO A 99 -8.52 -9.00 10.13
CA PRO A 99 -8.53 -7.55 10.19
C PRO A 99 -9.41 -6.91 9.10
N GLY A 100 -9.92 -5.71 9.33
CA GLY A 100 -10.74 -5.04 8.32
C GLY A 100 -11.59 -3.91 8.87
N PRO A 101 -12.39 -3.25 7.99
CA PRO A 101 -13.04 -1.98 8.31
C PRO A 101 -14.32 -2.14 9.16
N LEU A 102 -14.17 -2.84 10.27
CA LEU A 102 -15.27 -3.21 11.19
C LEU A 102 -14.85 -2.87 12.61
N THR A 103 -15.71 -2.18 13.31
CA THR A 103 -15.58 -1.91 14.75
C THR A 103 -16.76 -2.61 15.40
N VAL A 104 -16.53 -3.32 16.49
CA VAL A 104 -17.61 -4.03 17.20
C VAL A 104 -17.64 -3.49 18.64
N ILE A 105 -18.84 -3.38 19.22
CA ILE A 105 -19.03 -3.04 20.66
C ILE A 105 -19.14 -4.35 21.46
N PHE A 106 -18.33 -4.50 22.52
CA PHE A 106 -18.38 -5.63 23.49
C PHE A 106 -18.46 -5.09 24.92
N ARG A 107 -18.89 -5.97 25.83
CA ARG A 107 -18.74 -5.74 27.28
C ARG A 107 -17.23 -5.67 27.57
N LYS A 108 -16.83 -4.60 28.24
CA LYS A 108 -15.43 -4.31 28.69
C LYS A 108 -14.97 -5.37 29.70
N LYS A 109 -13.74 -5.90 29.61
CA LYS A 109 -13.11 -6.76 30.66
C LYS A 109 -12.56 -5.90 31.81
N SER A 110 -12.78 -4.58 31.73
CA SER A 110 -12.28 -3.61 32.74
C SER A 110 -10.76 -3.71 32.84
N GLU A 111 -10.23 -3.90 34.04
CA GLU A 111 -8.77 -4.13 34.23
C GLU A 111 -7.90 -2.94 33.80
N LYS A 112 -7.61 -2.80 32.51
CA LYS A 112 -6.59 -1.79 32.12
C LYS A 112 -7.09 -0.68 31.19
N ILE A 113 -8.22 -0.86 30.49
CA ILE A 113 -8.70 0.28 29.65
C ILE A 113 -9.46 1.23 30.56
N PRO A 114 -8.86 2.39 30.91
CA PRO A 114 -9.44 3.28 31.90
C PRO A 114 -10.76 3.89 31.43
N PRO A 115 -11.59 4.37 32.38
CA PRO A 115 -12.88 5.02 32.06
C PRO A 115 -12.88 6.14 31.00
N VAL A 116 -11.83 6.98 30.94
CA VAL A 116 -11.77 8.12 29.97
C VAL A 116 -11.94 7.61 28.53
N VAL A 117 -11.39 6.42 28.21
CA VAL A 117 -11.37 5.83 26.84
C VAL A 117 -12.80 5.46 26.44
N THR A 118 -13.58 4.95 27.39
CA THR A 118 -14.95 4.42 27.19
C THR A 118 -16.01 5.42 27.70
N ALA A 119 -15.64 6.68 27.97
CA ALA A 119 -16.50 7.68 28.64
C ALA A 119 -17.35 7.00 29.74
N ASP A 120 -16.67 6.32 30.67
N ASP A 120 -16.67 6.33 30.68
CA ASP A 120 -17.25 5.74 31.91
CA ASP A 120 -17.18 5.67 31.91
C ASP A 120 -18.29 4.67 31.56
C ASP A 120 -18.27 4.64 31.56
N LEU A 121 -18.30 4.16 30.31
CA LEU A 121 -19.28 3.14 29.83
C LEU A 121 -18.76 1.74 30.15
N PRO A 122 -19.65 0.75 30.42
CA PRO A 122 -19.26 -0.66 30.60
C PRO A 122 -18.91 -1.40 29.29
N THR A 123 -19.05 -0.71 28.16
CA THR A 123 -18.80 -1.30 26.82
C THR A 123 -17.49 -0.73 26.29
N VAL A 124 -16.92 -1.39 25.29
CA VAL A 124 -15.72 -0.86 24.61
C VAL A 124 -15.90 -1.17 23.13
N ALA A 125 -15.48 -0.23 22.28
CA ALA A 125 -15.50 -0.38 20.82
C ALA A 125 -14.11 -0.85 20.40
N VAL A 126 -14.04 -2.03 19.78
CA VAL A 126 -12.75 -2.65 19.36
C VAL A 126 -12.71 -2.72 17.83
N ARG A 127 -11.52 -2.45 17.28
CA ARG A 127 -11.30 -2.56 15.82
C ARG A 127 -9.92 -3.17 15.56
N MET A 128 -9.83 -4.13 14.65
CA MET A 128 -8.55 -4.69 14.19
C MET A 128 -8.35 -4.24 12.75
N PRO A 129 -7.60 -3.15 12.51
CA PRO A 129 -7.55 -2.51 11.20
C PRO A 129 -6.70 -3.33 10.23
N ALA A 130 -7.18 -3.44 8.99
CA ALA A 130 -6.50 -4.12 7.88
C ALA A 130 -5.69 -3.06 7.16
N HIS A 131 -4.64 -2.58 7.81
CA HIS A 131 -3.58 -1.69 7.27
C HIS A 131 -2.26 -2.13 7.92
N PRO A 132 -1.31 -2.69 7.15
CA PRO A 132 -0.05 -3.15 7.71
C PRO A 132 0.68 -2.11 8.59
N VAL A 133 0.58 -0.81 8.32
CA VAL A 133 1.19 0.25 9.15
C VAL A 133 0.52 0.21 10.53
N ALA A 134 -0.81 0.21 10.59
CA ALA A 134 -1.51 0.24 11.88
C ALA A 134 -1.18 -1.03 12.67
N LEU A 135 -1.31 -2.18 12.03
CA LEU A 135 -1.07 -3.52 12.61
C LEU A 135 0.37 -3.58 13.17
N LYS A 136 1.37 -3.17 12.38
CA LYS A 136 2.80 -3.25 12.75
C LYS A 136 3.10 -2.19 13.82
N LEU A 137 2.47 -1.01 13.77
CA LEU A 137 2.67 -0.01 14.86
C LEU A 137 2.17 -0.59 16.19
N ILE A 138 0.95 -1.14 16.23
CA ILE A 138 0.37 -1.66 17.50
C ILE A 138 1.25 -2.80 18.04
N GLU A 139 1.65 -3.75 17.20
CA GLU A 139 2.45 -4.91 17.63
C GLU A 139 3.78 -4.44 18.21
N LEU A 140 4.43 -3.47 17.55
CA LEU A 140 5.74 -2.96 18.00
C LEU A 140 5.56 -2.19 19.32
N PHE A 141 4.51 -1.40 19.44
CA PHE A 141 4.25 -0.60 20.66
C PHE A 141 3.96 -1.56 21.82
N GLY A 142 3.16 -2.58 21.59
CA GLY A 142 2.89 -3.59 22.64
C GLY A 142 1.56 -3.41 23.33
N HIS A 143 0.94 -2.24 23.16
CA HIS A 143 -0.38 -1.96 23.77
C HIS A 143 -1.39 -1.59 22.68
N PRO A 144 -2.70 -1.75 22.92
CA PRO A 144 -3.70 -1.29 21.98
C PRO A 144 -3.70 0.24 21.85
N ILE A 145 -4.15 0.78 20.72
CA ILE A 145 -4.18 2.25 20.51
C ILE A 145 -5.65 2.73 20.44
N ALA A 146 -6.01 3.66 21.32
CA ALA A 146 -7.27 4.45 21.30
C ALA A 146 -7.12 5.57 20.26
N ALA A 147 -8.00 5.62 19.26
CA ALA A 147 -7.89 6.61 18.16
C ALA A 147 -9.24 6.94 17.56
N PRO A 148 -9.73 8.18 17.77
CA PRO A 148 -10.76 8.75 16.90
C PRO A 148 -10.19 9.03 15.50
N SER A 149 -11.05 9.46 14.58
CA SER A 149 -10.63 9.94 13.24
C SER A 149 -9.71 11.15 13.42
N ALA A 150 -8.70 11.30 12.57
CA ALA A 150 -7.74 12.43 12.65
C ALA A 150 -8.42 13.69 12.08
N ASN A 151 -9.08 14.44 12.94
CA ASN A 151 -9.69 15.73 12.54
C ASN A 151 -10.07 16.50 13.78
N ILE A 152 -10.15 17.83 13.69
CA ILE A 152 -10.82 18.65 14.73
C ILE A 152 -12.27 18.14 14.87
N SER A 153 -12.79 18.05 16.08
CA SER A 153 -14.15 17.48 16.34
C SER A 153 -15.15 18.29 15.50
N GLY A 154 -15.98 17.62 14.71
CA GLY A 154 -17.03 18.30 13.92
C GLY A 154 -16.65 18.52 12.47
N ARG A 155 -15.37 18.32 12.12
CA ARG A 155 -14.84 18.56 10.76
C ARG A 155 -14.77 17.25 9.99
N PRO A 156 -14.65 17.27 8.64
CA PRO A 156 -14.53 16.05 7.84
C PRO A 156 -13.28 15.22 8.18
N SER A 157 -13.47 13.92 8.27
CA SER A 157 -12.41 12.96 8.67
C SER A 157 -11.26 12.99 7.64
N ALA A 158 -10.01 13.11 8.09
CA ALA A 158 -8.80 13.13 7.24
C ALA A 158 -8.64 11.80 6.51
N THR A 159 -8.45 11.87 5.19
CA THR A 159 -8.22 10.71 4.30
C THR A 159 -6.83 10.80 3.69
N ASN A 160 -6.07 11.84 4.01
CA ASN A 160 -4.70 12.06 3.52
C ASN A 160 -3.96 13.08 4.42
N VAL A 161 -2.66 13.25 4.19
CA VAL A 161 -1.78 14.00 5.13
C VAL A 161 -2.02 15.50 4.97
N LYS A 162 -2.42 15.96 3.78
CA LYS A 162 -2.78 17.38 3.54
C LYS A 162 -3.88 17.78 4.54
N HIS A 163 -4.90 16.93 4.72
CA HIS A 163 -6.01 17.23 5.66
C HIS A 163 -5.54 17.18 7.11
N VAL A 164 -4.75 16.16 7.45
CA VAL A 164 -4.18 16.05 8.83
C VAL A 164 -3.47 17.36 9.16
N ILE A 165 -2.65 17.84 8.23
CA ILE A 165 -1.80 19.06 8.39
C ILE A 165 -2.71 20.29 8.60
N GLU A 166 -3.79 20.47 7.83
CA GLU A 166 -4.75 21.60 8.04
C GLU A 166 -5.16 21.65 9.52
N ASP A 167 -5.33 20.49 10.15
CA ASP A 167 -6.02 20.35 11.45
C ASP A 167 -5.00 20.32 12.60
N PHE A 168 -3.75 19.91 12.34
CA PHE A 168 -2.85 19.42 13.42
C PHE A 168 -1.37 19.82 13.26
N MET A 169 -0.95 20.46 12.16
CA MET A 169 0.45 20.92 12.03
C MET A 169 0.76 21.75 13.28
N GLY A 170 1.84 21.42 13.97
CA GLY A 170 2.30 22.14 15.16
C GLY A 170 1.62 21.68 16.43
N LYS A 171 0.70 20.70 16.36
CA LYS A 171 -0.07 20.29 17.56
C LYS A 171 0.34 18.89 18.02
N VAL A 172 0.87 18.08 17.12
CA VAL A 172 1.35 16.70 17.45
C VAL A 172 2.80 16.57 16.97
N LYS A 173 3.60 15.71 17.59
CA LYS A 173 5.04 15.56 17.26
C LYS A 173 5.22 14.83 15.94
N LEU A 174 4.32 13.92 15.55
CA LEU A 174 4.58 12.97 14.45
C LEU A 174 3.31 12.57 13.68
N ILE A 175 3.37 12.69 12.36
CA ILE A 175 2.33 12.18 11.43
C ILE A 175 3.01 11.15 10.52
N ILE A 176 2.49 9.93 10.51
CA ILE A 176 2.89 8.89 9.53
C ILE A 176 2.02 9.07 8.31
N ASP A 177 2.67 9.21 7.17
CA ASP A 177 2.06 9.39 5.84
C ASP A 177 2.15 8.07 5.07
N ALA A 178 1.02 7.41 4.79
CA ALA A 178 0.96 6.26 3.85
C ALA A 178 0.02 6.60 2.68
N GLY A 179 -0.15 7.89 2.42
CA GLY A 179 -0.97 8.41 1.30
C GLY A 179 -2.46 8.38 1.59
N ASP A 180 -3.26 8.40 0.51
CA ASP A 180 -4.75 8.43 0.54
C ASP A 180 -5.23 7.12 1.15
N THR A 181 -6.17 7.20 2.11
CA THR A 181 -6.75 5.97 2.71
C THR A 181 -7.57 5.27 1.63
N PRO A 182 -7.51 3.93 1.59
CA PRO A 182 -8.25 3.14 0.62
C PRO A 182 -9.76 3.42 0.54
N PHE A 183 -10.47 3.49 1.66
CA PHE A 183 -11.96 3.58 1.65
C PHE A 183 -12.44 5.04 1.76
N GLY A 184 -11.75 5.90 2.50
CA GLY A 184 -12.14 7.32 2.69
C GLY A 184 -13.23 7.52 3.75
N LEU A 185 -13.80 6.43 4.29
CA LEU A 185 -14.95 6.43 5.25
C LEU A 185 -14.60 5.58 6.47
N GLU A 186 -15.10 6.00 7.64
CA GLU A 186 -14.86 5.28 8.92
C GLU A 186 -15.47 3.89 8.84
N SER A 187 -14.95 3.00 9.67
CA SER A 187 -15.38 1.59 9.87
C SER A 187 -16.88 1.52 10.17
N THR A 188 -17.53 0.49 9.66
CA THR A 188 -18.87 0.06 10.10
C THR A 188 -18.78 -0.15 11.62
N ILE A 189 -19.80 0.24 12.37
CA ILE A 189 -19.90 -0.07 13.83
C ILE A 189 -21.17 -0.90 14.03
N VAL A 190 -20.97 -2.11 14.52
CA VAL A 190 -22.03 -3.06 14.94
C VAL A 190 -21.89 -3.26 16.46
N ASP A 191 -22.97 -3.06 17.21
CA ASP A 191 -23.04 -3.37 18.67
C ASP A 191 -23.55 -4.82 18.77
N LEU A 192 -22.79 -5.71 19.41
CA LEU A 192 -23.16 -7.14 19.58
C LEU A 192 -23.53 -7.47 21.04
N THR A 193 -23.70 -6.45 21.89
CA THR A 193 -23.96 -6.62 23.36
C THR A 193 -25.44 -6.77 23.71
N LYS A 194 -26.41 -6.72 22.79
CA LYS A 194 -27.87 -6.75 23.13
C LYS A 194 -28.51 -7.98 22.49
N GLU A 195 -29.79 -8.22 22.76
CA GLU A 195 -30.58 -9.37 22.20
C GLU A 195 -30.30 -9.47 20.70
N LYS A 196 -30.44 -8.36 19.95
CA LYS A 196 -30.29 -8.34 18.46
C LYS A 196 -29.15 -7.41 18.10
N PRO A 197 -28.36 -7.71 17.07
CA PRO A 197 -27.23 -6.85 16.72
C PRO A 197 -27.71 -5.49 16.19
N VAL A 198 -26.99 -4.41 16.50
CA VAL A 198 -27.37 -3.01 16.12
C VAL A 198 -26.25 -2.38 15.30
N LEU A 199 -26.62 -1.82 14.15
CA LEU A 199 -25.71 -0.97 13.32
C LEU A 199 -25.71 0.46 13.89
N LEU A 200 -24.55 0.96 14.33
CA LEU A 200 -24.46 2.33 14.92
C LEU A 200 -23.87 3.34 13.92
N ARG A 201 -23.08 2.87 12.97
CA ARG A 201 -22.41 3.70 11.91
C ARG A 201 -22.25 2.83 10.67
N PRO A 202 -22.81 3.23 9.51
CA PRO A 202 -22.58 2.48 8.27
C PRO A 202 -21.17 2.75 7.73
N GLY A 203 -20.54 1.75 7.13
CA GLY A 203 -19.18 1.87 6.59
C GLY A 203 -18.88 0.82 5.52
N PRO A 204 -17.58 0.58 5.24
CA PRO A 204 -17.16 -0.34 4.19
C PRO A 204 -17.72 -1.76 4.32
N VAL A 205 -18.05 -2.22 5.52
CA VAL A 205 -18.83 -3.48 5.69
C VAL A 205 -20.30 -3.09 5.49
N GLU A 206 -20.84 -3.42 4.31
CA GLU A 206 -22.14 -2.87 3.83
C GLU A 206 -23.31 -3.47 4.60
N VAL A 207 -24.33 -2.66 4.79
CA VAL A 207 -25.59 -3.04 5.48
C VAL A 207 -26.14 -4.33 4.86
N GLU A 208 -26.19 -4.40 3.53
CA GLU A 208 -26.77 -5.56 2.76
C GLU A 208 -26.07 -6.85 3.20
N ARG A 209 -24.74 -6.80 3.32
CA ARG A 209 -23.90 -7.94 3.77
C ARG A 209 -24.26 -8.33 5.20
N LEU A 210 -24.30 -7.35 6.10
CA LEU A 210 -24.68 -7.56 7.52
C LEU A 210 -26.10 -8.12 7.60
N LYS A 211 -27.05 -7.69 6.77
CA LYS A 211 -28.46 -8.23 6.80
C LYS A 211 -28.47 -9.70 6.34
N GLU A 212 -27.52 -10.12 5.50
CA GLU A 212 -27.42 -11.53 5.02
C GLU A 212 -27.01 -12.42 6.21
N LEU A 213 -26.08 -11.95 7.03
CA LEU A 213 -25.55 -12.66 8.23
C LEU A 213 -26.45 -12.48 9.45
N PHE A 214 -27.11 -11.33 9.58
CA PHE A 214 -27.89 -10.95 10.78
C PHE A 214 -29.26 -10.49 10.30
N PRO A 215 -30.13 -11.46 9.92
CA PRO A 215 -31.49 -11.17 9.49
C PRO A 215 -32.21 -10.13 10.36
N GLU A 216 -31.95 -10.18 11.69
CA GLU A 216 -32.61 -9.37 12.75
C GLU A 216 -31.80 -8.12 13.06
N LEU A 217 -30.79 -7.80 12.26
CA LEU A 217 -29.98 -6.55 12.40
C LEU A 217 -30.93 -5.38 12.66
N VAL A 218 -30.66 -4.55 13.65
CA VAL A 218 -31.49 -3.34 13.83
C VAL A 218 -30.72 -2.13 13.27
N VAL A 219 -31.38 -1.34 12.41
CA VAL A 219 -30.77 -0.11 11.84
C VAL A 219 -31.59 1.05 12.40
N PRO A 220 -31.10 1.76 13.43
CA PRO A 220 -31.89 2.81 14.10
C PRO A 220 -32.16 4.05 13.25
N ASP A 221 -33.22 4.79 13.61
CA ASP A 221 -33.60 6.01 12.87
C ASP A 221 -32.38 6.93 12.71
N PHE A 222 -31.56 7.15 13.74
CA PHE A 222 -30.46 8.16 13.65
C PHE A 222 -29.48 7.77 12.55
N VAL A 223 -29.38 6.50 12.20
CA VAL A 223 -28.48 6.03 11.10
C VAL A 223 -29.03 6.43 9.71
N ARG A 224 -30.35 6.34 9.49
N ARG A 224 -30.35 6.34 9.50
CA ARG A 224 -31.03 6.62 8.20
CA ARG A 224 -31.03 6.62 8.20
C ARG A 224 -31.30 8.12 8.04
C ARG A 224 -31.26 8.13 8.03
N LYS A 225 -31.31 8.88 9.14
CA LYS A 225 -31.69 10.32 9.19
C LYS A 225 -30.51 11.18 9.69
N GLY A 226 -30.71 12.48 9.92
CA GLY A 226 -29.67 13.44 10.32
C GLY A 226 -29.51 13.52 11.82
N HIS A 241 -20.76 16.84 13.23
CA HIS A 241 -19.85 15.86 12.59
C HIS A 241 -19.75 16.05 11.08
N TYR A 242 -18.50 15.99 10.54
CA TYR A 242 -18.12 15.86 9.11
C TYR A 242 -18.40 17.15 8.34
N ALA A 243 -18.49 18.29 9.04
CA ALA A 243 -19.07 19.57 8.55
C ALA A 243 -17.98 20.45 7.91
N PRO A 244 -18.17 20.92 6.67
CA PRO A 244 -17.28 21.91 6.07
C PRO A 244 -17.47 23.29 6.74
N LEU A 245 -16.63 24.25 6.37
CA LEU A 245 -16.56 25.58 7.04
C LEU A 245 -17.62 26.49 6.41
N LYS A 246 -18.12 26.13 5.23
CA LYS A 246 -19.22 26.85 4.53
C LYS A 246 -20.44 25.94 4.52
N PRO A 247 -21.67 26.52 4.59
CA PRO A 247 -22.90 25.74 4.77
C PRO A 247 -23.18 24.68 3.67
N LEU A 248 -23.55 23.47 4.11
CA LEU A 248 -23.76 22.28 3.23
C LEU A 248 -25.26 22.13 2.92
N ILE A 249 -25.61 22.24 1.64
CA ILE A 249 -26.96 21.93 1.07
C ILE A 249 -26.90 20.54 0.40
N LEU A 250 -27.63 19.58 1.00
CA LEU A 250 -27.79 18.20 0.45
C LEU A 250 -29.13 18.10 -0.29
N VAL A 251 -29.05 17.63 -1.54
CA VAL A 251 -30.19 17.48 -2.49
C VAL A 251 -30.41 15.98 -2.71
N GLU A 252 -31.38 15.41 -1.94
CA GLU A 252 -31.85 14.00 -2.08
C GLU A 252 -32.67 13.89 -3.39
N ASP A 253 -33.55 14.87 -3.64
CA ASP A 253 -34.46 14.92 -4.82
C ASP A 253 -33.82 15.80 -5.90
N LEU A 254 -33.17 15.18 -6.90
CA LEU A 254 -32.31 15.88 -7.92
C LEU A 254 -33.15 16.66 -8.94
N THR A 255 -34.48 16.54 -8.93
CA THR A 255 -35.37 17.39 -9.79
C THR A 255 -35.39 18.83 -9.24
N LYS A 256 -35.04 19.04 -7.96
CA LYS A 256 -35.01 20.39 -7.31
C LYS A 256 -33.63 21.04 -7.50
N MET A 257 -32.70 20.38 -8.20
CA MET A 257 -31.32 20.87 -8.43
C MET A 257 -31.37 22.21 -9.19
N GLU A 258 -32.06 22.28 -10.33
CA GLU A 258 -32.27 23.55 -11.09
C GLU A 258 -32.70 24.67 -10.12
N GLU A 259 -33.61 24.35 -9.18
CA GLU A 259 -34.28 25.30 -8.24
C GLU A 259 -33.34 25.65 -7.09
N VAL A 260 -32.57 24.69 -6.57
CA VAL A 260 -31.63 24.91 -5.43
C VAL A 260 -30.53 25.88 -5.88
N LEU A 261 -29.93 25.60 -7.03
CA LEU A 261 -28.81 26.44 -7.51
C LEU A 261 -29.26 27.89 -7.49
N LYS A 262 -30.51 28.15 -7.86
CA LYS A 262 -31.02 29.54 -7.93
C LYS A 262 -31.19 30.07 -6.50
N LYS A 263 -31.91 29.34 -5.66
CA LYS A 263 -32.18 29.87 -4.30
C LYS A 263 -30.83 30.17 -3.62
N TYR A 264 -29.79 29.42 -4.00
CA TYR A 264 -28.46 29.60 -3.34
C TYR A 264 -27.45 30.10 -4.39
N PRO A 265 -27.42 31.42 -4.66
CA PRO A 265 -26.57 31.97 -5.72
C PRO A 265 -25.07 31.66 -5.55
N ASP A 266 -24.44 32.22 -4.52
CA ASP A 266 -22.98 32.02 -4.34
C ASP A 266 -22.78 30.52 -4.02
N HIS A 267 -22.56 29.71 -5.05
CA HIS A 267 -22.51 28.22 -4.85
C HIS A 267 -21.25 27.59 -5.46
N VAL A 268 -20.82 26.46 -4.88
CA VAL A 268 -20.00 25.43 -5.58
C VAL A 268 -20.75 24.12 -5.45
N VAL A 269 -20.70 23.29 -6.50
CA VAL A 269 -21.41 21.98 -6.54
C VAL A 269 -20.40 20.85 -6.36
N ILE A 270 -20.85 19.79 -5.69
CA ILE A 270 -20.19 18.46 -5.70
C ILE A 270 -21.19 17.51 -6.36
N CYS A 271 -20.78 16.92 -7.48
CA CYS A 271 -21.61 16.10 -8.39
C CYS A 271 -20.82 14.88 -8.81
N VAL A 272 -21.43 13.98 -9.58
CA VAL A 272 -20.75 12.78 -10.16
C VAL A 272 -20.29 13.07 -11.61
N GLU A 273 -19.31 12.27 -12.05
CA GLU A 273 -18.68 12.18 -13.40
C GLU A 273 -19.73 12.29 -14.51
N GLU A 274 -20.89 11.65 -14.34
CA GLU A 274 -21.92 11.50 -15.42
C GLU A 274 -22.80 12.75 -15.48
N ARG A 275 -22.79 13.61 -14.45
CA ARG A 275 -23.65 14.82 -14.37
C ARG A 275 -22.77 16.09 -14.30
N LYS A 276 -21.46 15.97 -14.59
CA LYS A 276 -20.42 17.02 -14.40
C LYS A 276 -20.60 18.16 -15.39
N GLU A 277 -20.91 17.84 -16.65
CA GLU A 277 -21.00 18.78 -17.80
C GLU A 277 -22.29 19.61 -17.73
N LEU A 278 -23.01 19.60 -16.60
CA LEU A 278 -24.37 20.20 -16.42
C LEU A 278 -24.36 21.26 -15.29
N TYR A 279 -23.20 21.83 -14.93
CA TYR A 279 -23.08 22.77 -13.77
C TYR A 279 -22.06 23.88 -14.04
N ASP A 280 -22.00 24.90 -13.17
CA ASP A 280 -20.97 25.95 -13.31
C ASP A 280 -19.70 25.51 -12.58
N ASP A 281 -19.40 26.13 -11.43
CA ASP A 281 -18.25 25.69 -10.59
C ASP A 281 -18.60 24.33 -9.99
N ARG A 282 -18.00 23.28 -10.52
CA ARG A 282 -18.34 21.90 -10.05
C ARG A 282 -17.06 21.11 -9.72
N ILE A 283 -17.07 20.40 -8.59
CA ILE A 283 -16.05 19.37 -8.23
C ILE A 283 -16.65 17.98 -8.50
N VAL A 284 -16.01 17.20 -9.39
CA VAL A 284 -16.37 15.77 -9.65
C VAL A 284 -15.80 14.93 -8.50
N VAL A 285 -16.66 14.51 -7.57
CA VAL A 285 -16.26 13.66 -6.41
C VAL A 285 -15.91 12.25 -6.89
N GLY A 286 -16.58 11.76 -7.94
CA GLY A 286 -16.37 10.41 -8.51
C GLY A 286 -17.49 10.03 -9.48
N SER A 287 -17.46 8.81 -10.02
CA SER A 287 -18.46 8.26 -10.97
C SER A 287 -19.42 7.28 -10.28
N LEU A 288 -20.64 7.14 -10.80
CA LEU A 288 -21.61 6.10 -10.38
C LEU A 288 -21.21 4.72 -10.93
N LYS A 289 -20.44 4.66 -12.03
CA LYS A 289 -19.81 3.42 -12.58
C LYS A 289 -18.92 2.76 -11.51
N ASN A 290 -18.28 3.59 -10.69
CA ASN A 290 -17.38 3.09 -9.62
C ASN A 290 -17.70 3.88 -8.36
N PRO A 291 -18.73 3.51 -7.57
CA PRO A 291 -19.13 4.29 -6.40
C PRO A 291 -18.15 4.31 -5.21
N TYR A 292 -17.20 3.36 -5.15
CA TYR A 292 -16.17 3.38 -4.09
C TYR A 292 -15.25 4.60 -4.32
N SER A 293 -15.23 5.11 -5.54
CA SER A 293 -14.44 6.34 -5.86
C SER A 293 -15.12 7.53 -5.22
N ILE A 294 -16.44 7.46 -5.08
CA ILE A 294 -17.19 8.58 -4.45
C ILE A 294 -16.88 8.56 -2.95
N ALA A 295 -16.92 7.38 -2.36
CA ALA A 295 -16.66 7.23 -0.92
C ALA A 295 -15.20 7.63 -0.61
N GLN A 296 -14.24 7.24 -1.47
CA GLN A 296 -12.79 7.54 -1.26
C GLN A 296 -12.61 9.06 -1.17
N ASN A 297 -13.33 9.85 -1.97
CA ASN A 297 -13.00 11.27 -2.22
C ASN A 297 -13.99 12.23 -1.57
N ILE A 298 -15.07 11.74 -0.96
CA ILE A 298 -16.17 12.63 -0.47
C ILE A 298 -15.61 13.64 0.54
N PHE A 299 -14.88 13.20 1.56
CA PHE A 299 -14.34 14.09 2.62
C PHE A 299 -13.36 15.12 2.02
N SER A 300 -12.46 14.69 1.12
CA SER A 300 -11.55 15.58 0.34
C SER A 300 -12.37 16.64 -0.38
N ALA A 301 -13.52 16.22 -0.96
CA ALA A 301 -14.41 17.12 -1.72
C ALA A 301 -14.95 18.20 -0.79
N LEU A 302 -15.43 17.86 0.42
CA LEU A 302 -15.90 18.92 1.36
C LEU A 302 -14.76 19.92 1.60
N ARG A 303 -13.52 19.45 1.70
CA ARG A 303 -12.36 20.32 2.05
C ARG A 303 -11.95 21.16 0.84
N GLU A 304 -11.85 20.59 -0.38
CA GLU A 304 -11.60 21.37 -1.64
C GLU A 304 -12.64 22.49 -1.74
N ALA A 305 -13.92 22.16 -1.53
CA ALA A 305 -15.12 23.01 -1.78
C ALA A 305 -15.16 24.23 -0.84
N GLU A 306 -14.91 24.02 0.45
CA GLU A 306 -15.00 25.07 1.48
C GLU A 306 -13.93 26.15 1.20
N LYS A 307 -12.89 25.79 0.42
CA LYS A 307 -11.74 26.66 0.05
C LYS A 307 -12.13 27.49 -1.19
N MET A 308 -12.39 26.84 -2.33
CA MET A 308 -13.17 27.42 -3.47
C MET A 308 -14.17 28.41 -2.86
N GLY A 309 -13.99 29.71 -3.13
CA GLY A 309 -14.46 30.80 -2.27
C GLY A 309 -15.91 31.16 -2.51
N LYS A 310 -16.81 30.18 -2.44
CA LYS A 310 -18.28 30.33 -2.68
C LYS A 310 -19.02 30.21 -1.34
N GLU A 311 -20.13 30.94 -1.18
CA GLU A 311 -20.93 31.08 0.08
C GLU A 311 -21.52 29.73 0.51
N TYR A 312 -21.89 28.87 -0.47
CA TYR A 312 -22.75 27.66 -0.29
C TYR A 312 -22.18 26.46 -1.06
N ILE A 313 -22.05 25.33 -0.38
CA ILE A 313 -21.62 24.03 -0.98
C ILE A 313 -22.87 23.21 -1.23
N ILE A 314 -23.05 22.75 -2.47
CA ILE A 314 -24.30 22.09 -2.92
C ILE A 314 -23.90 20.70 -3.38
N VAL A 315 -24.52 19.68 -2.79
CA VAL A 315 -24.14 18.26 -3.01
C VAL A 315 -25.36 17.51 -3.52
N GLU A 316 -25.16 16.83 -4.65
CA GLU A 316 -26.03 15.76 -5.18
C GLU A 316 -26.11 14.63 -4.15
N GLY A 317 -27.34 14.23 -3.79
CA GLY A 317 -27.64 12.93 -3.16
C GLY A 317 -27.28 11.74 -4.05
N PHE A 318 -27.15 10.59 -3.40
CA PHE A 318 -26.83 9.27 -3.99
C PHE A 318 -27.87 8.25 -3.52
N GLU A 319 -27.92 7.10 -4.21
CA GLU A 319 -28.64 5.87 -3.79
C GLU A 319 -28.30 5.55 -2.33
N GLU A 320 -29.33 5.34 -1.49
CA GLU A 320 -29.25 4.86 -0.08
C GLU A 320 -28.96 3.35 -0.11
N ARG A 321 -27.91 2.91 -0.83
CA ARG A 321 -27.56 1.48 -1.09
C ARG A 321 -26.04 1.36 -1.13
N GLY A 322 -25.52 0.16 -0.87
CA GLY A 322 -24.08 -0.14 -0.80
C GLY A 322 -23.29 0.94 -0.07
N ILE A 323 -22.09 1.24 -0.54
CA ILE A 323 -21.17 2.18 0.15
C ILE A 323 -21.79 3.58 0.13
N LEU A 324 -22.60 3.90 -0.89
CA LEU A 324 -23.28 5.22 -0.98
C LEU A 324 -24.23 5.42 0.23
N PHE A 325 -24.75 4.33 0.84
CA PHE A 325 -25.48 4.35 2.14
C PHE A 325 -24.62 5.11 3.17
N ALA A 326 -23.38 4.68 3.33
CA ALA A 326 -22.46 5.28 4.32
C ALA A 326 -22.15 6.73 3.91
N VAL A 327 -22.03 7.00 2.61
CA VAL A 327 -21.70 8.38 2.13
C VAL A 327 -22.85 9.31 2.55
N MET A 328 -24.09 8.89 2.25
CA MET A 328 -25.31 9.68 2.56
C MET A 328 -25.42 9.88 4.07
N ASN A 329 -25.07 8.85 4.87
CA ASN A 329 -25.05 8.94 6.35
C ASN A 329 -24.14 10.10 6.76
N ARG A 330 -22.96 10.20 6.14
CA ARG A 330 -21.97 11.25 6.48
C ARG A 330 -22.51 12.62 6.03
N LEU A 331 -23.02 12.71 4.80
CA LEU A 331 -23.48 14.00 4.20
C LEU A 331 -24.72 14.51 4.92
N ARG A 332 -25.62 13.62 5.41
CA ARG A 332 -26.83 14.03 6.16
C ARG A 332 -26.40 14.69 7.48
N LYS A 333 -25.41 14.13 8.20
CA LYS A 333 -24.94 14.72 9.49
C LYS A 333 -24.15 16.00 9.19
N ALA A 334 -23.54 16.12 8.01
CA ALA A 334 -22.76 17.32 7.60
C ALA A 334 -23.74 18.47 7.31
N ALA A 335 -24.81 18.17 6.56
CA ALA A 335 -25.74 19.14 5.93
C ALA A 335 -26.26 20.18 6.93
N THR A 336 -26.36 21.44 6.49
CA THR A 336 -27.07 22.53 7.21
C THR A 336 -28.56 22.48 6.82
N GLU A 337 -28.87 22.11 5.57
CA GLU A 337 -30.25 21.82 5.09
C GLU A 337 -30.22 20.58 4.19
N ILE A 338 -31.26 19.76 4.30
CA ILE A 338 -31.53 18.59 3.39
C ILE A 338 -32.77 18.93 2.57
N VAL A 339 -32.69 18.73 1.26
CA VAL A 339 -33.80 19.06 0.33
C VAL A 339 -34.42 17.74 -0.12
N ARG A 340 -35.45 17.31 0.60
CA ARG A 340 -36.15 16.05 0.26
C ARG A 340 -37.38 16.36 -0.59
N ALA B 5 -0.08 -0.43 -29.33
CA ALA B 5 -1.26 -0.59 -28.47
C ALA B 5 -1.72 0.77 -27.96
N SER B 6 -3.01 0.95 -27.76
CA SER B 6 -3.50 2.21 -27.16
C SER B 6 -3.40 1.97 -25.65
N THR B 7 -2.28 2.38 -25.06
CA THR B 7 -2.01 2.09 -23.65
C THR B 7 -2.94 2.76 -22.66
N ARG B 8 -3.57 1.98 -21.81
CA ARG B 8 -4.34 2.47 -20.63
C ARG B 8 -3.50 2.26 -19.36
N VAL B 9 -3.49 3.26 -18.48
CA VAL B 9 -2.91 3.17 -17.13
C VAL B 9 -4.05 3.33 -16.13
N LEU B 10 -4.40 2.26 -15.40
CA LEU B 10 -5.45 2.32 -14.35
C LEU B 10 -4.77 2.30 -12.98
N LYS B 11 -4.95 3.37 -12.20
CA LYS B 11 -4.53 3.54 -10.78
C LYS B 11 -5.48 2.72 -9.89
N VAL B 12 -4.93 1.86 -9.02
CA VAL B 12 -5.64 1.10 -7.95
C VAL B 12 -4.94 1.33 -6.61
N ASP B 13 -5.66 1.05 -5.54
CA ASP B 13 -5.12 1.07 -4.17
C ASP B 13 -4.31 -0.19 -3.96
N PRO B 14 -3.12 -0.12 -3.29
CA PRO B 14 -2.28 -1.30 -3.09
C PRO B 14 -2.85 -2.33 -2.10
N LEU B 15 -3.64 -1.89 -1.12
CA LEU B 15 -4.18 -2.78 -0.06
C LEU B 15 -5.55 -3.34 -0.51
N PHE B 16 -6.41 -2.50 -1.07
CA PHE B 16 -7.77 -2.92 -1.47
C PHE B 16 -8.05 -2.47 -2.90
N PRO B 17 -7.49 -3.14 -3.91
CA PRO B 17 -7.66 -2.68 -5.29
C PRO B 17 -9.09 -2.93 -5.77
N ASP B 18 -9.61 -1.98 -6.53
CA ASP B 18 -10.87 -2.11 -7.32
C ASP B 18 -10.82 -3.39 -8.16
N GLU B 19 -11.68 -4.35 -7.89
CA GLU B 19 -11.73 -5.62 -8.66
C GLU B 19 -12.25 -5.39 -10.09
N LYS B 20 -12.96 -4.30 -10.39
CA LYS B 20 -13.36 -4.00 -11.81
C LYS B 20 -12.09 -3.84 -12.64
N VAL B 21 -11.10 -3.12 -12.12
CA VAL B 21 -9.77 -2.92 -12.81
C VAL B 21 -9.07 -4.27 -12.98
N LEU B 22 -8.98 -5.07 -11.93
CA LEU B 22 -8.30 -6.39 -11.98
C LEU B 22 -9.06 -7.36 -12.92
N LYS B 23 -10.39 -7.29 -12.98
CA LYS B 23 -11.18 -8.08 -13.98
C LYS B 23 -10.77 -7.63 -15.40
N GLU B 24 -10.59 -6.33 -15.62
CA GLU B 24 -10.30 -5.84 -16.99
C GLU B 24 -8.93 -6.38 -17.37
N ALA B 25 -7.99 -6.38 -16.43
CA ALA B 25 -6.63 -6.91 -16.63
C ALA B 25 -6.70 -8.42 -16.87
N ALA B 26 -7.51 -9.15 -16.11
CA ALA B 26 -7.73 -10.60 -16.29
C ALA B 26 -8.28 -10.92 -17.69
N GLU B 27 -9.17 -10.09 -18.26
CA GLU B 27 -9.72 -10.32 -19.62
C GLU B 27 -8.61 -10.20 -20.67
N LEU B 28 -7.76 -9.18 -20.59
CA LEU B 28 -6.60 -9.00 -21.50
C LEU B 28 -5.70 -10.26 -21.43
N LEU B 29 -5.42 -10.76 -20.22
CA LEU B 29 -4.62 -12.00 -20.07
C LEU B 29 -5.37 -13.15 -20.76
N ARG B 30 -6.67 -13.28 -20.54
CA ARG B 30 -7.47 -14.34 -21.21
C ARG B 30 -7.34 -14.22 -22.73
N ASN B 31 -7.23 -13.01 -23.26
CA ASN B 31 -7.09 -12.82 -24.73
C ASN B 31 -5.63 -12.93 -25.19
N GLY B 32 -4.70 -13.41 -24.38
CA GLY B 32 -3.32 -13.66 -24.82
C GLY B 32 -2.54 -12.37 -24.97
N GLU B 33 -2.89 -11.36 -24.16
CA GLU B 33 -2.22 -10.04 -24.12
C GLU B 33 -1.19 -10.01 -22.99
N VAL B 34 -0.31 -9.03 -23.08
CA VAL B 34 0.72 -8.77 -22.06
C VAL B 34 0.28 -7.52 -21.32
N ILE B 35 0.34 -7.54 -19.99
CA ILE B 35 0.01 -6.36 -19.14
C ILE B 35 1.14 -6.14 -18.13
N ILE B 36 1.19 -4.93 -17.57
CA ILE B 36 2.17 -4.59 -16.52
C ILE B 36 1.43 -4.40 -15.20
N PHE B 37 1.96 -5.01 -14.13
CA PHE B 37 1.31 -5.04 -12.80
C PHE B 37 2.37 -4.81 -11.74
N PRO B 38 1.95 -4.24 -10.59
CA PRO B 38 2.86 -4.04 -9.47
C PRO B 38 3.13 -5.34 -8.72
N THR B 39 4.31 -5.47 -8.10
CA THR B 39 4.56 -6.40 -6.97
C THR B 39 5.27 -5.65 -5.84
N GLU B 40 5.58 -6.33 -4.73
CA GLU B 40 6.33 -5.75 -3.59
C GLU B 40 7.80 -5.53 -3.96
N THR B 41 8.29 -6.13 -5.05
CA THR B 41 9.71 -6.03 -5.45
C THR B 41 9.82 -4.98 -6.55
N VAL B 42 9.53 -5.38 -7.80
CA VAL B 42 9.51 -4.48 -8.98
C VAL B 42 8.21 -4.69 -9.75
N TYR B 43 7.87 -3.76 -10.65
CA TYR B 43 6.77 -3.96 -11.62
C TYR B 43 7.16 -5.17 -12.48
N GLY B 44 6.16 -5.97 -12.86
CA GLY B 44 6.30 -7.11 -13.78
C GLY B 44 5.55 -6.84 -15.07
N ILE B 45 6.06 -7.39 -16.16
CA ILE B 45 5.39 -7.48 -17.49
C ILE B 45 5.02 -8.96 -17.70
N GLY B 46 3.72 -9.25 -17.79
CA GLY B 46 3.20 -10.61 -17.56
C GLY B 46 2.23 -11.07 -18.63
N ALA B 47 2.17 -12.38 -18.79
CA ALA B 47 1.21 -13.09 -19.66
C ALA B 47 0.80 -14.40 -19.01
N ASP B 48 -0.29 -14.96 -19.52
CA ASP B 48 -0.80 -16.30 -19.21
C ASP B 48 0.38 -17.27 -19.31
N ALA B 49 0.78 -17.84 -18.18
CA ALA B 49 1.94 -18.76 -18.10
C ALA B 49 1.68 -20.02 -18.91
N TYR B 50 0.41 -20.37 -19.17
CA TYR B 50 0.03 -21.57 -19.95
C TYR B 50 -0.16 -21.22 -21.44
N ASN B 51 0.10 -19.99 -21.85
CA ASN B 51 -0.12 -19.51 -23.23
C ASN B 51 1.23 -19.21 -23.89
N GLU B 52 1.63 -20.06 -24.82
CA GLU B 52 2.91 -20.00 -25.58
C GLU B 52 3.03 -18.64 -26.31
N GLU B 53 2.10 -18.32 -27.21
CA GLU B 53 2.19 -17.10 -28.08
C GLU B 53 2.17 -15.86 -27.19
N ALA B 54 1.40 -15.85 -26.10
CA ALA B 54 1.31 -14.66 -25.22
C ALA B 54 2.69 -14.42 -24.61
N CYS B 55 3.33 -15.49 -24.17
CA CYS B 55 4.64 -15.43 -23.46
C CYS B 55 5.74 -15.05 -24.46
N LYS B 56 5.62 -15.45 -25.72
CA LYS B 56 6.58 -15.03 -26.78
C LYS B 56 6.49 -13.50 -26.93
N LYS B 57 5.30 -12.92 -26.76
CA LYS B 57 5.18 -11.44 -26.91
C LYS B 57 6.04 -10.75 -25.84
N ILE B 58 6.13 -11.31 -24.63
CA ILE B 58 6.99 -10.77 -23.55
C ILE B 58 8.42 -10.64 -24.07
N PHE B 59 8.96 -11.65 -24.74
CA PHE B 59 10.36 -11.62 -25.26
C PHE B 59 10.48 -10.50 -26.29
N LYS B 60 9.55 -10.39 -27.25
CA LYS B 60 9.56 -9.31 -28.28
C LYS B 60 9.51 -7.95 -27.60
N LEU B 61 8.57 -7.72 -26.69
CA LEU B 61 8.37 -6.39 -26.05
C LEU B 61 9.64 -5.96 -25.29
N LYS B 62 10.30 -6.90 -24.61
CA LYS B 62 11.49 -6.63 -23.77
C LYS B 62 12.75 -6.51 -24.65
N GLU B 63 12.75 -7.12 -25.86
CA GLU B 63 13.95 -7.42 -26.71
C GLU B 63 14.86 -8.39 -25.96
N ARG B 64 14.28 -9.34 -25.24
CA ARG B 64 14.95 -10.37 -24.41
C ARG B 64 15.42 -11.51 -25.30
N PRO B 65 16.63 -12.07 -25.07
CA PRO B 65 17.03 -13.34 -25.69
C PRO B 65 16.15 -14.52 -25.23
N ALA B 66 15.88 -15.48 -26.11
CA ALA B 66 14.93 -16.58 -25.88
C ALA B 66 15.46 -17.55 -24.80
N ASP B 67 16.77 -17.57 -24.56
CA ASP B 67 17.41 -18.51 -23.60
C ASP B 67 17.29 -17.94 -22.17
N ASN B 68 16.57 -16.86 -21.96
CA ASN B 68 16.44 -16.27 -20.59
C ASN B 68 15.04 -16.54 -20.05
N PRO B 69 14.86 -17.57 -19.19
CA PRO B 69 13.53 -18.07 -18.82
C PRO B 69 12.83 -17.14 -17.82
N LEU B 70 11.55 -17.40 -17.62
CA LEU B 70 10.60 -16.45 -16.97
C LEU B 70 10.19 -16.98 -15.59
N ILE B 71 10.08 -16.11 -14.59
CA ILE B 71 9.53 -16.47 -13.25
C ILE B 71 7.99 -16.62 -13.37
N VAL B 72 7.47 -17.74 -12.87
CA VAL B 72 6.02 -18.01 -12.89
C VAL B 72 5.46 -17.56 -11.54
N HIS B 73 4.44 -16.69 -11.58
CA HIS B 73 3.86 -16.12 -10.34
C HIS B 73 2.57 -16.86 -9.98
N ILE B 74 2.44 -17.25 -8.72
CA ILE B 74 1.26 -18.04 -8.25
C ILE B 74 0.62 -17.32 -7.05
N HIS B 75 -0.61 -17.68 -6.70
CA HIS B 75 -1.34 -17.03 -5.59
C HIS B 75 -1.54 -18.04 -4.45
N SER B 76 -1.31 -19.33 -4.69
CA SER B 76 -1.67 -20.36 -3.71
C SER B 76 -0.73 -21.58 -3.75
N PHE B 77 -0.69 -22.34 -2.66
CA PHE B 77 0.12 -23.57 -2.50
C PHE B 77 -0.50 -24.69 -3.34
N LYS B 78 -1.81 -24.64 -3.57
CA LYS B 78 -2.50 -25.58 -4.48
C LYS B 78 -1.95 -25.36 -5.90
N GLN B 79 -1.66 -24.11 -6.28
CA GLN B 79 -1.15 -23.81 -7.65
C GLN B 79 0.29 -24.35 -7.79
N LEU B 80 1.07 -24.35 -6.70
CA LEU B 80 2.43 -24.94 -6.71
C LEU B 80 2.34 -26.41 -7.13
N GLU B 81 1.36 -27.16 -6.60
CA GLU B 81 1.11 -28.60 -6.93
C GLU B 81 0.90 -28.81 -8.44
N GLU B 82 0.27 -27.88 -9.14
CA GLU B 82 -0.05 -28.03 -10.58
C GLU B 82 1.23 -27.97 -11.42
N ILE B 83 2.24 -27.16 -11.01
CA ILE B 83 3.37 -26.76 -11.91
C ILE B 83 4.72 -27.37 -11.46
N ALA B 84 4.91 -27.70 -10.18
CA ALA B 84 6.21 -28.12 -9.60
C ALA B 84 6.07 -29.46 -8.86
N GLU B 85 7.15 -30.27 -8.86
CA GLU B 85 7.23 -31.55 -8.08
C GLU B 85 8.52 -31.60 -7.25
N GLY B 86 8.46 -32.37 -6.16
CA GLY B 86 9.59 -32.72 -5.28
C GLY B 86 9.90 -31.62 -4.29
N TYR B 87 8.96 -30.71 -4.01
CA TYR B 87 9.16 -29.57 -3.09
C TYR B 87 8.66 -29.90 -1.67
N GLU B 88 8.23 -31.13 -1.40
CA GLU B 88 7.56 -31.46 -0.13
C GLU B 88 8.51 -31.18 1.04
N PRO B 89 9.82 -31.55 0.97
CA PRO B 89 10.73 -31.29 2.08
C PRO B 89 10.90 -29.78 2.38
N HIS B 90 10.51 -28.91 1.45
CA HIS B 90 10.78 -27.46 1.55
C HIS B 90 9.49 -26.68 1.86
N LEU B 91 8.37 -27.34 2.18
CA LEU B 91 7.03 -26.69 2.37
C LEU B 91 7.00 -25.84 3.64
N ASP B 92 7.57 -26.30 4.77
CA ASP B 92 7.75 -25.48 6.00
C ASP B 92 8.50 -24.18 5.66
N PHE B 93 9.57 -24.26 4.86
CA PHE B 93 10.41 -23.11 4.42
C PHE B 93 9.56 -22.21 3.51
N LEU B 94 8.85 -22.78 2.54
CA LEU B 94 8.05 -21.97 1.60
C LEU B 94 6.97 -21.23 2.40
N LYS B 95 6.37 -21.86 3.41
CA LYS B 95 5.28 -21.28 4.24
C LYS B 95 5.82 -20.17 5.17
N LYS B 96 7.10 -20.21 5.53
CA LYS B 96 7.73 -19.13 6.33
C LYS B 96 7.86 -17.87 5.46
N PHE B 97 8.11 -18.02 4.18
CA PHE B 97 8.57 -16.88 3.34
C PHE B 97 7.53 -16.48 2.28
N TRP B 98 6.53 -17.32 1.96
CA TRP B 98 5.45 -17.03 1.00
C TRP B 98 4.13 -16.75 1.69
N PRO B 99 3.33 -15.80 1.15
CA PRO B 99 3.78 -14.90 0.10
C PRO B 99 4.93 -13.99 0.55
N GLY B 100 5.81 -13.63 -0.37
CA GLY B 100 6.94 -12.74 -0.04
C GLY B 100 7.98 -12.69 -1.15
N PRO B 101 9.03 -11.83 -0.97
CA PRO B 101 9.95 -11.46 -2.04
C PRO B 101 11.01 -12.54 -2.31
N LEU B 102 10.52 -13.75 -2.57
CA LEU B 102 11.34 -14.96 -2.74
C LEU B 102 10.89 -15.70 -4.00
N THR B 103 11.85 -16.10 -4.83
CA THR B 103 11.66 -17.01 -5.97
C THR B 103 12.52 -18.25 -5.71
N VAL B 104 11.94 -19.41 -5.98
CA VAL B 104 12.58 -20.73 -5.77
C VAL B 104 12.53 -21.47 -7.09
N ILE B 105 13.61 -22.18 -7.43
CA ILE B 105 13.69 -23.04 -8.62
C ILE B 105 13.25 -24.44 -8.20
N PHE B 106 12.31 -25.04 -8.94
CA PHE B 106 11.82 -26.44 -8.75
C PHE B 106 11.96 -27.22 -10.05
N ARG B 107 12.01 -28.53 -9.97
CA ARG B 107 11.75 -29.39 -11.14
C ARG B 107 10.32 -29.08 -11.64
N LYS B 108 10.18 -28.99 -12.96
CA LYS B 108 8.89 -28.60 -13.55
C LYS B 108 8.05 -29.85 -13.87
N LYS B 109 6.81 -29.90 -13.38
CA LYS B 109 5.90 -31.00 -13.76
C LYS B 109 5.63 -30.82 -15.25
N SER B 110 5.28 -29.60 -15.68
CA SER B 110 5.08 -29.23 -17.11
C SER B 110 3.66 -29.51 -17.62
N GLU B 111 3.56 -30.01 -18.85
CA GLU B 111 2.25 -30.29 -19.50
C GLU B 111 1.52 -28.96 -19.73
N LYS B 112 1.46 -28.11 -18.72
CA LYS B 112 0.70 -26.85 -18.83
C LYS B 112 1.65 -25.69 -19.12
N ILE B 113 2.81 -25.68 -18.46
CA ILE B 113 3.82 -24.60 -18.67
C ILE B 113 4.72 -24.99 -19.84
N PRO B 114 4.57 -24.34 -21.02
CA PRO B 114 5.32 -24.72 -22.21
C PRO B 114 6.80 -24.34 -22.17
N PRO B 115 7.61 -24.88 -23.10
CA PRO B 115 9.06 -24.67 -23.11
C PRO B 115 9.53 -23.21 -23.12
N VAL B 116 8.84 -22.35 -23.87
CA VAL B 116 9.28 -20.94 -24.03
C VAL B 116 9.44 -20.29 -22.65
N VAL B 117 8.54 -20.60 -21.71
CA VAL B 117 8.48 -19.95 -20.37
C VAL B 117 9.75 -20.33 -19.60
N THR B 118 10.22 -21.57 -19.72
CA THR B 118 11.40 -22.04 -18.97
C THR B 118 12.61 -22.18 -19.89
N ALA B 119 12.58 -21.60 -21.10
CA ALA B 119 13.70 -21.66 -22.08
C ALA B 119 14.15 -23.10 -22.26
N ASP B 120 13.21 -24.04 -22.29
CA ASP B 120 13.43 -25.50 -22.55
C ASP B 120 14.10 -26.18 -21.34
N LEU B 121 14.24 -25.51 -20.20
CA LEU B 121 14.81 -26.13 -18.99
C LEU B 121 13.75 -27.03 -18.37
N PRO B 122 14.16 -28.16 -17.74
CA PRO B 122 13.26 -29.00 -16.96
C PRO B 122 12.96 -28.46 -15.55
N THR B 123 13.34 -27.20 -15.29
CA THR B 123 13.16 -26.50 -14.00
C THR B 123 12.19 -25.35 -14.22
N VAL B 124 11.53 -24.87 -13.16
CA VAL B 124 10.69 -23.65 -13.21
C VAL B 124 10.94 -22.77 -11.98
N ALA B 125 11.08 -21.47 -12.21
CA ALA B 125 11.18 -20.47 -11.14
C ALA B 125 9.75 -20.09 -10.76
N VAL B 126 9.43 -20.25 -9.48
CA VAL B 126 8.09 -19.97 -8.91
C VAL B 126 8.26 -18.87 -7.87
N ARG B 127 7.30 -17.96 -7.84
CA ARG B 127 7.22 -16.86 -6.85
C ARG B 127 5.75 -16.67 -6.48
N MET B 128 5.45 -16.61 -5.19
N MET B 128 5.45 -16.59 -5.18
CA MET B 128 4.15 -16.18 -4.66
CA MET B 128 4.14 -16.20 -4.62
C MET B 128 4.32 -14.78 -4.09
C MET B 128 4.29 -14.78 -4.07
N PRO B 129 3.95 -13.73 -4.85
CA PRO B 129 4.27 -12.36 -4.46
C PRO B 129 3.38 -11.88 -3.32
N ALA B 130 3.97 -11.17 -2.36
CA ALA B 130 3.22 -10.50 -1.28
C ALA B 130 2.80 -9.09 -1.71
N HIS B 131 1.85 -9.00 -2.63
CA HIS B 131 1.21 -7.72 -3.03
C HIS B 131 -0.25 -8.03 -3.30
N PRO B 132 -1.20 -7.45 -2.53
CA PRO B 132 -2.62 -7.74 -2.74
C PRO B 132 -3.02 -7.59 -4.22
N VAL B 133 -2.48 -6.61 -4.93
CA VAL B 133 -2.85 -6.41 -6.36
C VAL B 133 -2.44 -7.66 -7.17
N ALA B 134 -1.19 -8.13 -7.05
CA ALA B 134 -0.69 -9.30 -7.83
C ALA B 134 -1.48 -10.58 -7.49
N LEU B 135 -1.72 -10.79 -6.21
CA LEU B 135 -2.39 -11.99 -5.65
C LEU B 135 -3.83 -12.04 -6.19
N LYS B 136 -4.57 -10.94 -6.06
CA LYS B 136 -5.99 -10.84 -6.49
C LYS B 136 -6.04 -10.95 -8.01
N LEU B 137 -5.06 -10.37 -8.72
CA LEU B 137 -5.02 -10.45 -10.20
C LEU B 137 -4.92 -11.91 -10.64
N ILE B 138 -3.95 -12.66 -10.10
CA ILE B 138 -3.69 -14.09 -10.41
C ILE B 138 -4.91 -14.95 -10.04
N GLU B 139 -5.50 -14.73 -8.87
CA GLU B 139 -6.74 -15.42 -8.40
C GLU B 139 -7.86 -15.25 -9.45
N LEU B 140 -8.19 -13.99 -9.77
CA LEU B 140 -9.28 -13.62 -10.69
C LEU B 140 -9.03 -14.26 -12.06
N PHE B 141 -7.79 -14.18 -12.55
CA PHE B 141 -7.44 -14.65 -13.90
C PHE B 141 -7.56 -16.18 -13.95
N GLY B 142 -7.09 -16.89 -12.93
CA GLY B 142 -7.30 -18.35 -12.88
C GLY B 142 -6.10 -19.15 -13.28
N HIS B 143 -5.09 -18.48 -13.85
CA HIS B 143 -3.83 -19.15 -14.23
C HIS B 143 -2.64 -18.41 -13.65
N PRO B 144 -1.47 -19.05 -13.47
CA PRO B 144 -0.25 -18.35 -13.08
C PRO B 144 0.12 -17.34 -14.16
N ILE B 145 0.88 -16.32 -13.79
CA ILE B 145 1.40 -15.29 -14.73
C ILE B 145 2.93 -15.41 -14.80
N ALA B 146 3.46 -15.65 -16.00
CA ALA B 146 4.90 -15.56 -16.30
C ALA B 146 5.24 -14.09 -16.42
N ALA B 147 6.22 -13.58 -15.67
CA ALA B 147 6.57 -12.15 -15.75
C ALA B 147 8.01 -11.88 -15.35
N PRO B 148 8.83 -11.37 -16.30
CA PRO B 148 10.06 -10.66 -15.94
C PRO B 148 9.78 -9.33 -15.24
N SER B 149 10.83 -8.70 -14.76
CA SER B 149 10.85 -7.27 -14.39
C SER B 149 10.32 -6.41 -15.57
N ALA B 150 9.52 -5.41 -15.28
CA ALA B 150 9.01 -4.47 -16.29
C ALA B 150 10.14 -3.51 -16.70
N ASN B 151 10.83 -3.80 -17.80
CA ASN B 151 11.85 -2.90 -18.38
C ASN B 151 12.31 -3.48 -19.69
N ILE B 152 12.79 -2.63 -20.60
N ILE B 152 12.80 -2.63 -20.58
CA ILE B 152 13.59 -3.10 -21.76
CA ILE B 152 13.60 -3.07 -21.77
C ILE B 152 14.77 -3.90 -21.18
C ILE B 152 14.80 -3.87 -21.20
N SER B 153 15.19 -4.94 -21.90
CA SER B 153 16.27 -5.85 -21.43
C SER B 153 17.54 -5.03 -21.25
N GLY B 154 18.21 -5.22 -20.11
CA GLY B 154 19.50 -4.60 -19.77
C GLY B 154 19.31 -3.29 -19.02
N ARG B 155 18.06 -2.85 -18.87
CA ARG B 155 17.79 -1.54 -18.27
C ARG B 155 17.40 -1.69 -16.80
N PRO B 156 17.46 -0.62 -15.98
CA PRO B 156 17.01 -0.69 -14.59
C PRO B 156 15.53 -1.13 -14.53
N SER B 157 15.23 -2.04 -13.60
CA SER B 157 13.89 -2.61 -13.37
C SER B 157 12.95 -1.49 -12.92
N ALA B 158 11.77 -1.36 -13.49
CA ALA B 158 10.84 -0.26 -13.15
C ALA B 158 10.28 -0.48 -11.74
N THR B 159 10.28 0.56 -10.91
CA THR B 159 9.79 0.54 -9.53
C THR B 159 8.65 1.55 -9.37
N ASN B 160 8.31 2.26 -10.43
CA ASN B 160 7.11 3.14 -10.45
C ASN B 160 6.57 3.23 -11.88
N VAL B 161 5.36 3.75 -12.04
CA VAL B 161 4.67 3.78 -13.37
C VAL B 161 5.38 4.77 -14.30
N LYS B 162 5.95 5.87 -13.77
CA LYS B 162 6.72 6.85 -14.59
C LYS B 162 7.82 6.12 -15.37
N HIS B 163 8.51 5.16 -14.75
CA HIS B 163 9.58 4.33 -15.37
C HIS B 163 8.99 3.31 -16.34
N VAL B 164 7.90 2.65 -15.97
CA VAL B 164 7.21 1.68 -16.87
C VAL B 164 6.86 2.43 -18.16
N ILE B 165 6.31 3.63 -18.01
CA ILE B 165 5.83 4.44 -19.16
C ILE B 165 7.01 4.76 -20.11
N GLU B 166 8.19 5.04 -19.58
CA GLU B 166 9.39 5.32 -20.42
C GLU B 166 9.65 4.17 -21.41
N ASP B 167 9.48 2.93 -20.94
CA ASP B 167 9.87 1.69 -21.64
C ASP B 167 8.74 1.13 -22.50
N PHE B 168 7.48 1.31 -22.12
CA PHE B 168 6.35 0.54 -22.71
C PHE B 168 5.15 1.39 -23.18
N MET B 169 5.16 2.72 -23.01
CA MET B 169 4.06 3.54 -23.57
C MET B 169 3.93 3.26 -25.07
N GLY B 170 2.71 2.95 -25.50
CA GLY B 170 2.36 2.64 -26.89
C GLY B 170 2.67 1.20 -27.22
N LYS B 171 3.12 0.39 -26.25
CA LYS B 171 3.58 -1.01 -26.51
C LYS B 171 2.73 -2.05 -25.77
N VAL B 172 2.28 -1.77 -24.55
CA VAL B 172 1.38 -2.70 -23.80
C VAL B 172 0.00 -2.06 -23.66
N LYS B 173 -1.03 -2.89 -23.63
CA LYS B 173 -2.45 -2.43 -23.67
C LYS B 173 -2.79 -1.83 -22.31
N LEU B 174 -2.19 -2.34 -21.25
CA LEU B 174 -2.63 -1.99 -19.88
C LEU B 174 -1.45 -2.04 -18.90
N ILE B 175 -1.32 -0.96 -18.12
CA ILE B 175 -0.43 -0.83 -16.95
C ILE B 175 -1.33 -0.62 -15.74
N ILE B 176 -1.20 -1.43 -14.72
CA ILE B 176 -1.87 -1.22 -13.41
C ILE B 176 -0.90 -0.43 -12.54
N ASP B 177 -1.33 0.72 -12.07
CA ASP B 177 -0.51 1.64 -11.25
C ASP B 177 -0.92 1.48 -9.79
N ALA B 178 -0.03 0.97 -8.93
CA ALA B 178 -0.23 0.89 -7.45
C ALA B 178 0.86 1.69 -6.72
N GLY B 179 1.49 2.62 -7.42
CA GLY B 179 2.53 3.50 -6.85
C GLY B 179 3.90 2.85 -6.83
N ASP B 180 4.83 3.47 -6.10
CA ASP B 180 6.22 2.97 -5.94
C ASP B 180 6.19 1.59 -5.25
N THR B 181 6.98 0.65 -5.76
CA THR B 181 7.07 -0.72 -5.18
C THR B 181 7.79 -0.59 -3.84
N PRO B 182 7.32 -1.34 -2.82
CA PRO B 182 7.93 -1.32 -1.49
C PRO B 182 9.46 -1.54 -1.46
N PHE B 183 9.95 -2.67 -1.95
CA PHE B 183 11.38 -3.04 -1.80
C PHE B 183 12.25 -2.36 -2.85
N GLY B 184 11.82 -2.27 -4.09
CA GLY B 184 12.60 -1.57 -5.15
C GLY B 184 13.64 -2.47 -5.80
N LEU B 185 13.77 -3.71 -5.33
CA LEU B 185 14.73 -4.71 -5.86
C LEU B 185 13.98 -6.00 -6.08
N GLU B 186 14.43 -6.80 -7.06
CA GLU B 186 13.82 -8.07 -7.48
C GLU B 186 13.96 -9.09 -6.37
N SER B 187 13.09 -10.10 -6.39
CA SER B 187 13.07 -11.18 -5.37
C SER B 187 14.44 -11.85 -5.33
N THR B 188 14.81 -12.35 -4.15
CA THR B 188 15.88 -13.35 -3.91
C THR B 188 15.53 -14.60 -4.72
N ILE B 189 16.46 -15.14 -5.51
CA ILE B 189 16.28 -16.46 -6.18
C ILE B 189 17.14 -17.50 -5.48
N VAL B 190 16.51 -18.62 -5.08
CA VAL B 190 17.20 -19.81 -4.53
C VAL B 190 16.81 -21.03 -5.35
N ASP B 191 17.81 -21.72 -5.88
CA ASP B 191 17.71 -23.04 -6.54
C ASP B 191 17.69 -24.11 -5.46
N LEU B 192 16.64 -24.92 -5.40
CA LEU B 192 16.55 -26.08 -4.47
C LEU B 192 16.56 -27.39 -5.28
N THR B 193 17.04 -27.38 -6.53
CA THR B 193 17.04 -28.59 -7.40
C THR B 193 18.35 -29.39 -7.32
N LYS B 194 19.45 -28.89 -6.72
CA LYS B 194 20.74 -29.64 -6.66
C LYS B 194 20.98 -30.11 -5.23
N GLU B 195 22.03 -30.90 -5.00
CA GLU B 195 22.42 -31.43 -3.67
C GLU B 195 22.41 -30.29 -2.63
N LYS B 196 23.08 -29.19 -2.92
CA LYS B 196 23.18 -28.04 -1.98
C LYS B 196 22.36 -26.91 -2.58
N PRO B 197 21.66 -26.10 -1.76
CA PRO B 197 20.90 -24.98 -2.25
C PRO B 197 21.83 -23.89 -2.78
N VAL B 198 21.40 -23.15 -3.80
CA VAL B 198 22.26 -22.20 -4.55
C VAL B 198 21.53 -20.85 -4.62
N LEU B 199 22.22 -19.77 -4.27
CA LEU B 199 21.69 -18.40 -4.38
C LEU B 199 22.01 -17.92 -5.78
N LEU B 200 21.00 -17.64 -6.60
CA LEU B 200 21.22 -17.22 -8.02
C LEU B 200 21.11 -15.69 -8.12
N ARG B 201 20.43 -15.05 -7.18
CA ARG B 201 20.21 -13.59 -7.21
C ARG B 201 19.87 -13.11 -5.81
N PRO B 202 20.63 -12.14 -5.23
CA PRO B 202 20.30 -11.63 -3.91
C PRO B 202 19.09 -10.69 -4.00
N GLY B 203 18.31 -10.62 -2.93
CA GLY B 203 17.11 -9.77 -2.86
C GLY B 203 16.70 -9.47 -1.42
N PRO B 204 15.43 -9.08 -1.22
CA PRO B 204 14.94 -8.74 0.12
C PRO B 204 15.01 -9.87 1.16
N VAL B 205 15.03 -11.13 0.75
CA VAL B 205 15.33 -12.27 1.66
C VAL B 205 16.85 -12.32 1.77
N GLU B 206 17.40 -11.87 2.89
CA GLU B 206 18.85 -11.53 3.04
C GLU B 206 19.69 -12.82 3.05
N VAL B 207 20.88 -12.78 2.45
CA VAL B 207 21.82 -13.94 2.36
C VAL B 207 22.06 -14.52 3.76
N GLU B 208 22.20 -13.65 4.76
CA GLU B 208 22.54 -13.99 6.17
C GLU B 208 21.42 -14.86 6.76
N ARG B 209 20.17 -14.47 6.54
CA ARG B 209 18.98 -15.24 6.96
C ARG B 209 19.04 -16.61 6.25
N LEU B 210 19.38 -16.63 4.97
CA LEU B 210 19.42 -17.87 4.16
C LEU B 210 20.55 -18.77 4.64
N LYS B 211 21.72 -18.23 5.01
CA LYS B 211 22.85 -19.05 5.50
C LYS B 211 22.44 -19.67 6.86
N GLU B 212 21.69 -18.96 7.70
CA GLU B 212 21.17 -19.50 9.00
C GLU B 212 20.37 -20.77 8.72
N LEU B 213 19.57 -20.81 7.65
CA LEU B 213 18.60 -21.91 7.38
C LEU B 213 19.24 -23.04 6.55
N PHE B 214 20.12 -22.65 5.62
CA PHE B 214 20.87 -23.55 4.71
C PHE B 214 22.37 -23.30 4.89
N PRO B 215 23.02 -23.93 5.89
CA PRO B 215 24.43 -23.63 6.19
C PRO B 215 25.35 -23.94 4.99
N GLU B 216 24.96 -24.87 4.12
CA GLU B 216 25.70 -25.24 2.89
C GLU B 216 25.29 -24.36 1.69
N LEU B 217 24.51 -23.31 1.89
CA LEU B 217 24.09 -22.43 0.78
C LEU B 217 25.32 -22.09 -0.05
N VAL B 218 25.29 -22.29 -1.38
CA VAL B 218 26.40 -21.89 -2.27
C VAL B 218 26.04 -20.55 -2.91
N VAL B 219 27.01 -19.64 -2.87
CA VAL B 219 26.91 -18.29 -3.49
CA VAL B 219 26.93 -18.28 -3.46
C VAL B 219 27.96 -18.22 -4.58
N PRO B 220 27.56 -18.49 -5.84
CA PRO B 220 28.51 -18.56 -6.96
C PRO B 220 29.21 -17.23 -7.24
N ASP B 221 30.31 -17.32 -7.97
CA ASP B 221 31.17 -16.17 -8.33
C ASP B 221 30.32 -15.08 -8.96
N PHE B 222 29.43 -15.44 -9.89
CA PHE B 222 28.67 -14.43 -10.69
C PHE B 222 27.78 -13.60 -9.76
N VAL B 223 27.42 -14.11 -8.59
CA VAL B 223 26.59 -13.30 -7.63
C VAL B 223 27.47 -12.23 -7.00
N ARG B 224 28.73 -12.55 -6.71
CA ARG B 224 29.66 -11.74 -5.87
C ARG B 224 30.36 -10.64 -6.68
N LYS B 225 30.50 -10.87 -7.99
CA LYS B 225 31.23 -9.95 -8.86
C LYS B 225 30.27 -9.36 -9.88
N GLY B 226 30.81 -8.79 -10.95
CA GLY B 226 29.93 -8.25 -11.99
C GLY B 226 30.63 -7.97 -13.31
N ASN B 227 30.06 -8.43 -14.41
CA ASN B 227 30.59 -8.08 -15.75
C ASN B 227 29.41 -7.58 -16.60
N ARG B 240 26.08 -5.44 -19.88
CA ARG B 240 25.56 -4.92 -18.58
C ARG B 240 24.07 -5.28 -18.42
N HIS B 241 23.59 -5.31 -17.17
CA HIS B 241 22.17 -5.47 -16.73
C HIS B 241 21.85 -4.33 -15.75
N TYR B 242 20.59 -3.96 -15.62
CA TYR B 242 20.13 -2.89 -14.68
C TYR B 242 20.79 -1.57 -15.05
N ALA B 243 21.19 -1.41 -16.32
CA ALA B 243 22.21 -0.42 -16.74
C ALA B 243 21.57 0.92 -17.15
N PRO B 244 22.12 2.06 -16.67
CA PRO B 244 21.73 3.37 -17.18
C PRO B 244 22.36 3.67 -18.55
N LEU B 245 21.87 4.74 -19.21
CA LEU B 245 22.34 5.15 -20.57
C LEU B 245 23.58 6.06 -20.48
N LYS B 246 24.37 5.94 -19.42
CA LYS B 246 25.62 6.70 -19.19
C LYS B 246 26.63 5.73 -18.60
N PRO B 247 27.95 6.00 -18.75
CA PRO B 247 28.96 5.27 -18.00
C PRO B 247 28.64 5.37 -16.50
N LEU B 248 28.81 4.27 -15.75
CA LEU B 248 28.60 4.22 -14.28
C LEU B 248 29.89 3.74 -13.59
N ILE B 249 30.47 4.59 -12.73
CA ILE B 249 31.69 4.30 -11.95
C ILE B 249 31.23 3.91 -10.54
N LEU B 250 31.41 2.65 -10.19
CA LEU B 250 31.11 2.15 -8.83
C LEU B 250 32.36 2.27 -7.99
N VAL B 251 32.36 3.16 -7.01
CA VAL B 251 33.52 3.37 -6.09
C VAL B 251 33.35 2.52 -4.81
N GLU B 252 33.92 1.31 -4.83
CA GLU B 252 33.92 0.35 -3.70
C GLU B 252 34.87 0.84 -2.60
N ASP B 253 36.04 1.35 -2.96
CA ASP B 253 36.98 1.95 -1.99
C ASP B 253 36.76 3.48 -2.00
N LEU B 254 35.99 3.94 -1.02
CA LEU B 254 35.60 5.37 -0.92
C LEU B 254 36.83 6.24 -0.64
N THR B 255 37.96 5.69 -0.17
CA THR B 255 39.22 6.48 0.06
C THR B 255 39.72 7.00 -1.29
N LYS B 256 39.23 6.42 -2.39
CA LYS B 256 39.62 6.74 -3.79
C LYS B 256 38.59 7.69 -4.47
N MET B 257 37.52 8.07 -3.76
N MET B 257 37.53 8.08 -3.77
CA MET B 257 36.42 8.91 -4.31
CA MET B 257 36.42 8.89 -4.36
C MET B 257 37.03 10.18 -4.91
C MET B 257 37.02 10.19 -4.91
N GLU B 258 37.94 10.84 -4.18
CA GLU B 258 38.56 12.15 -4.57
C GLU B 258 39.28 12.01 -5.92
N GLU B 259 40.02 10.90 -6.14
CA GLU B 259 40.82 10.68 -7.39
C GLU B 259 39.85 10.31 -8.54
N VAL B 260 38.80 9.52 -8.28
CA VAL B 260 37.70 9.22 -9.25
C VAL B 260 37.07 10.54 -9.73
N LEU B 261 36.73 11.47 -8.81
CA LEU B 261 36.01 12.76 -9.08
C LEU B 261 36.88 13.63 -9.96
N LYS B 262 38.20 13.61 -9.74
CA LYS B 262 39.17 14.41 -10.52
C LYS B 262 39.45 13.72 -11.87
N LYS B 263 39.51 12.38 -11.92
CA LYS B 263 39.70 11.62 -13.20
C LYS B 263 38.46 11.78 -14.14
N TYR B 264 37.25 11.85 -13.59
CA TYR B 264 35.98 11.91 -14.37
C TYR B 264 35.22 13.16 -13.94
N PRO B 265 35.72 14.38 -14.28
CA PRO B 265 35.25 15.59 -13.61
C PRO B 265 33.83 16.03 -14.02
N ASP B 266 33.30 15.52 -15.13
CA ASP B 266 31.93 15.84 -15.63
C ASP B 266 31.01 14.71 -15.13
N HIS B 267 30.38 14.92 -13.96
CA HIS B 267 29.68 13.84 -13.23
C HIS B 267 28.51 14.35 -12.38
N VAL B 268 27.63 13.42 -12.05
CA VAL B 268 26.70 13.50 -10.90
C VAL B 268 27.03 12.32 -9.99
N VAL B 269 26.97 12.54 -8.69
CA VAL B 269 27.29 11.50 -7.67
C VAL B 269 25.98 10.95 -7.11
N ILE B 270 25.83 9.63 -7.07
CA ILE B 270 24.74 9.00 -6.29
C ILE B 270 25.33 8.64 -4.92
N CYS B 271 24.81 9.25 -3.85
CA CYS B 271 25.40 9.18 -2.50
C CYS B 271 24.30 9.00 -1.45
N VAL B 272 24.72 8.76 -0.21
CA VAL B 272 23.83 8.60 0.96
C VAL B 272 23.66 9.98 1.60
N GLU B 273 22.62 10.10 2.43
CA GLU B 273 22.20 11.36 3.09
C GLU B 273 23.35 11.84 3.96
N GLU B 274 24.09 10.93 4.58
CA GLU B 274 25.15 11.25 5.58
C GLU B 274 26.42 11.83 4.92
N ARG B 275 26.51 11.89 3.58
CA ARG B 275 27.70 12.38 2.83
C ARG B 275 27.28 13.40 1.76
N LYS B 276 26.05 13.91 1.80
CA LYS B 276 25.48 14.74 0.70
C LYS B 276 26.24 16.06 0.56
N GLU B 277 26.88 16.53 1.63
CA GLU B 277 27.59 17.84 1.66
C GLU B 277 28.96 17.72 0.96
N LEU B 278 29.48 16.50 0.78
CA LEU B 278 30.83 16.25 0.19
C LEU B 278 30.83 16.59 -1.31
N TYR B 279 29.66 16.63 -1.96
CA TYR B 279 29.51 16.67 -3.43
C TYR B 279 28.70 17.88 -3.87
N ASP B 280 29.05 18.49 -5.02
CA ASP B 280 28.34 19.66 -5.60
C ASP B 280 27.08 19.21 -6.33
N ASP B 281 27.22 18.19 -7.18
CA ASP B 281 26.14 17.62 -8.03
C ASP B 281 25.85 16.21 -7.54
N ARG B 282 24.75 16.02 -6.81
CA ARG B 282 24.48 14.68 -6.22
C ARG B 282 22.99 14.39 -6.15
N ILE B 283 22.65 13.13 -6.43
CA ILE B 283 21.34 12.52 -6.08
C ILE B 283 21.53 11.72 -4.81
N VAL B 284 20.78 12.06 -3.75
CA VAL B 284 20.71 11.32 -2.47
C VAL B 284 19.75 10.14 -2.64
N VAL B 285 20.28 8.93 -2.75
CA VAL B 285 19.47 7.69 -2.97
C VAL B 285 18.80 7.25 -1.66
N GLY B 286 19.34 7.56 -0.49
CA GLY B 286 18.76 7.17 0.80
C GLY B 286 19.73 7.38 1.93
N SER B 287 19.44 6.90 3.14
CA SER B 287 20.37 7.02 4.28
C SER B 287 21.00 5.66 4.63
N LEU B 288 22.14 5.71 5.33
CA LEU B 288 22.77 4.52 5.96
C LEU B 288 21.98 4.13 7.22
N LYS B 289 21.33 5.09 7.87
CA LYS B 289 20.37 4.90 9.01
C LYS B 289 19.29 3.90 8.57
N ASN B 290 18.70 4.07 7.37
CA ASN B 290 17.56 3.27 6.85
C ASN B 290 17.95 2.63 5.51
N PRO B 291 18.83 1.61 5.49
CA PRO B 291 19.34 1.06 4.24
C PRO B 291 18.27 0.50 3.29
N TYR B 292 17.07 0.17 3.78
CA TYR B 292 15.91 -0.22 2.92
C TYR B 292 15.59 0.95 1.99
N SER B 293 15.75 2.20 2.44
CA SER B 293 15.54 3.44 1.64
C SER B 293 16.46 3.39 0.40
N ILE B 294 17.69 2.91 0.58
CA ILE B 294 18.69 2.89 -0.51
C ILE B 294 18.21 1.87 -1.55
N ALA B 295 17.83 0.68 -1.10
CA ALA B 295 17.33 -0.40 -1.97
C ALA B 295 16.08 0.10 -2.73
N GLN B 296 15.21 0.84 -2.04
CA GLN B 296 13.91 1.31 -2.60
C GLN B 296 14.14 2.29 -3.76
N ASN B 297 15.21 3.10 -3.71
CA ASN B 297 15.37 4.27 -4.62
C ASN B 297 16.48 4.10 -5.65
N ILE B 298 17.26 3.02 -5.62
CA ILE B 298 18.51 2.97 -6.44
C ILE B 298 18.11 2.95 -7.93
N PHE B 299 17.16 2.14 -8.35
CA PHE B 299 16.84 2.10 -9.80
C PHE B 299 16.30 3.46 -10.27
N SER B 300 15.47 4.14 -9.46
CA SER B 300 14.96 5.51 -9.74
C SER B 300 16.12 6.48 -9.82
N ALA B 301 17.07 6.43 -8.89
CA ALA B 301 18.28 7.30 -8.90
C ALA B 301 18.97 7.15 -10.26
N LEU B 302 19.12 5.92 -10.74
CA LEU B 302 19.81 5.63 -12.01
C LEU B 302 19.01 6.30 -13.14
N ARG B 303 17.69 6.22 -13.12
CA ARG B 303 16.86 6.77 -14.21
C ARG B 303 16.89 8.29 -14.10
N GLU B 304 16.95 8.85 -12.90
CA GLU B 304 17.00 10.32 -12.67
C GLU B 304 18.36 10.82 -13.21
N ALA B 305 19.46 10.11 -12.90
CA ALA B 305 20.83 10.48 -13.29
C ALA B 305 20.97 10.50 -14.80
N GLU B 306 20.39 9.53 -15.48
CA GLU B 306 20.71 9.31 -16.92
C GLU B 306 20.02 10.39 -17.76
N LYS B 307 19.17 11.21 -17.17
CA LYS B 307 18.44 12.32 -17.86
C LYS B 307 19.25 13.60 -17.75
N MET B 308 20.32 13.60 -16.95
CA MET B 308 21.10 14.84 -16.68
CA MET B 308 21.09 14.85 -16.69
C MET B 308 22.15 15.03 -17.79
N GLY B 309 22.68 16.23 -17.93
CA GLY B 309 23.73 16.53 -18.93
C GLY B 309 25.12 16.05 -18.49
N LYS B 310 25.31 15.78 -17.21
CA LYS B 310 26.60 15.33 -16.64
C LYS B 310 27.00 14.03 -17.32
N GLU B 311 28.28 13.89 -17.69
CA GLU B 311 28.72 12.74 -18.54
C GLU B 311 28.66 11.43 -17.76
N TYR B 312 29.28 11.37 -16.57
CA TYR B 312 29.40 10.13 -15.76
C TYR B 312 28.44 10.11 -14.58
N ILE B 313 27.93 8.92 -14.31
CA ILE B 313 27.29 8.61 -13.01
C ILE B 313 28.37 7.96 -12.16
N ILE B 314 28.64 8.56 -11.00
CA ILE B 314 29.58 8.03 -9.99
C ILE B 314 28.76 7.64 -8.76
N VAL B 315 28.82 6.37 -8.38
CA VAL B 315 28.03 5.81 -7.24
C VAL B 315 28.98 5.43 -6.12
N GLU B 316 28.67 5.89 -4.91
CA GLU B 316 29.30 5.40 -3.66
C GLU B 316 29.00 3.92 -3.51
N GLY B 317 30.02 3.12 -3.22
CA GLY B 317 29.84 1.72 -2.78
C GLY B 317 29.16 1.62 -1.43
N PHE B 318 28.48 0.49 -1.20
CA PHE B 318 27.81 0.16 0.09
C PHE B 318 28.44 -1.09 0.73
N GLU B 319 28.37 -1.18 2.06
CA GLU B 319 28.57 -2.40 2.91
C GLU B 319 27.92 -3.62 2.21
N GLU B 320 28.68 -4.70 2.00
CA GLU B 320 28.26 -5.91 1.23
C GLU B 320 27.52 -6.84 2.19
N ARG B 321 26.36 -6.40 2.69
CA ARG B 321 25.68 -7.00 3.87
C ARG B 321 24.21 -6.63 3.84
N GLY B 322 23.36 -7.51 4.36
CA GLY B 322 21.91 -7.29 4.44
C GLY B 322 21.39 -6.95 3.08
N ILE B 323 20.52 -5.94 2.98
CA ILE B 323 19.86 -5.54 1.71
CA ILE B 323 19.87 -5.58 1.69
C ILE B 323 20.91 -4.89 0.80
N LEU B 324 21.92 -4.23 1.40
CA LEU B 324 22.96 -3.52 0.63
C LEU B 324 23.80 -4.50 -0.21
N PHE B 325 23.89 -5.77 0.18
CA PHE B 325 24.47 -6.85 -0.69
C PHE B 325 23.72 -6.90 -2.04
N ALA B 326 22.40 -6.94 -1.99
CA ALA B 326 21.55 -6.98 -3.21
C ALA B 326 21.80 -5.70 -4.02
N VAL B 327 21.85 -4.55 -3.37
CA VAL B 327 22.08 -3.26 -4.06
C VAL B 327 23.43 -3.34 -4.79
N MET B 328 24.48 -3.79 -4.08
CA MET B 328 25.84 -3.89 -4.67
C MET B 328 25.82 -4.88 -5.86
N ASN B 329 25.05 -5.96 -5.75
CA ASN B 329 24.94 -6.96 -6.85
C ASN B 329 24.45 -6.24 -8.11
N ARG B 330 23.39 -5.45 -7.98
CA ARG B 330 22.77 -4.74 -9.15
C ARG B 330 23.78 -3.72 -9.70
N LEU B 331 24.41 -2.92 -8.84
CA LEU B 331 25.29 -1.84 -9.30
C LEU B 331 26.53 -2.43 -10.00
N ARG B 332 27.04 -3.58 -9.55
CA ARG B 332 28.26 -4.19 -10.16
C ARG B 332 27.96 -4.60 -11.61
N LYS B 333 26.76 -5.13 -11.86
CA LYS B 333 26.31 -5.53 -13.21
C LYS B 333 25.96 -4.29 -14.04
N ALA B 334 25.60 -3.15 -13.41
CA ALA B 334 25.30 -1.90 -14.15
C ALA B 334 26.59 -1.12 -14.47
N ALA B 335 27.69 -1.29 -13.73
CA ALA B 335 28.89 -0.43 -13.82
C ALA B 335 29.65 -0.66 -15.14
N THR B 336 30.26 0.39 -15.69
CA THR B 336 31.24 0.30 -16.79
C THR B 336 32.66 0.20 -16.19
N GLU B 337 32.84 0.60 -14.92
CA GLU B 337 34.11 0.52 -14.17
C GLU B 337 33.79 0.40 -12.67
N ILE B 338 34.57 -0.46 -11.99
CA ILE B 338 34.51 -0.72 -10.53
C ILE B 338 35.87 -0.33 -9.93
N VAL B 339 35.93 0.66 -9.04
CA VAL B 339 37.15 1.12 -8.33
C VAL B 339 37.25 0.37 -7.00
N ARG B 340 38.19 -0.60 -6.88
CA ARG B 340 38.24 -1.67 -5.82
C ARG B 340 39.13 -1.20 -4.66
PG ATP C . -15.33 13.67 15.89
O1G ATP C . -14.33 12.86 15.11
O2G ATP C . -14.77 14.21 17.18
O3G ATP C . -16.00 14.76 15.05
PB ATP C . -16.87 11.19 16.05
O1B ATP C . -18.13 10.73 16.75
O2B ATP C . -16.74 11.05 14.57
O3B ATP C . -16.48 12.69 16.44
PA ATP C . -14.76 9.14 16.29
O1A ATP C . -13.98 8.83 17.52
O2A ATP C . -14.04 9.49 15.03
O3A ATP C . -15.68 10.38 16.74
O5' ATP C . -15.84 7.96 15.99
C5' ATP C . -16.02 6.84 16.91
C4' ATP C . -17.47 6.55 17.10
O4' ATP C . -17.63 5.29 17.82
C3' ATP C . -18.24 7.59 17.93
O3' ATP C . -19.51 7.87 17.36
C2' ATP C . -18.29 6.92 19.30
O2' ATP C . -19.32 7.31 20.15
C1' ATP C . -18.50 5.47 18.91
N9 ATP C . -18.17 4.58 20.03
C8 ATP C . -16.92 4.42 20.61
N7 ATP C . -16.95 3.63 21.66
C5 ATP C . -18.28 3.26 21.80
C6 ATP C . -18.94 2.43 22.73
N6 ATP C . -18.34 1.84 23.75
N1 ATP C . -20.29 2.30 22.58
C2 ATP C . -20.90 2.93 21.57
N3 ATP C . -20.37 3.72 20.63
C4 ATP C . -19.04 3.85 20.80
N THR D . -11.50 5.19 14.17
CA THR D . -11.42 5.12 12.69
C THR D . -12.42 4.09 12.18
O THR D . -13.03 3.39 12.96
CB THR D . -10.02 4.77 12.19
OG1 THR D . -9.69 3.40 12.51
CG2 THR D . -8.97 5.70 12.76
OXT THR D . -12.55 3.95 10.98
MG MG E . -14.67 11.24 13.78
C ACT F . -36.93 -9.28 13.36
O ACT F . -36.62 -8.44 14.22
OXT ACT F . -36.54 -9.25 12.17
CH3 ACT F . -37.84 -10.45 13.78
C ACT G . -9.90 23.52 10.65
O ACT G . -10.51 22.73 11.39
OXT ACT G . -9.50 23.23 9.48
CH3 ACT G . -9.64 24.93 11.18
PG ATP H . 16.03 -8.25 -18.25
O1G ATP H . 15.42 -8.63 -19.59
O2G ATP H . 17.14 -7.24 -18.34
O3G ATP H . 15.04 -7.86 -17.23
PB ATP H . 16.74 -10.34 -16.32
O1B ATP H . 17.81 -11.41 -16.31
O2B ATP H . 16.72 -9.35 -15.21
O3B ATP H . 16.70 -9.63 -17.75
PA ATP H . 14.08 -11.19 -15.35
O1A ATP H . 13.02 -12.01 -16.00
O2A ATP H . 13.72 -9.83 -14.89
O3A ATP H . 15.31 -11.08 -16.38
O5' ATP H . 14.73 -12.01 -14.12
C5' ATP H . 14.40 -13.41 -13.88
C4' ATP H . 15.67 -14.17 -13.56
O4' ATP H . 15.34 -15.49 -13.04
C3' ATP H . 16.62 -14.37 -14.74
O3' ATP H . 17.99 -14.18 -14.43
C2' ATP H . 16.39 -15.85 -15.09
O2' ATP H . 17.53 -16.43 -15.65
C1' ATP H . 16.11 -16.45 -13.72
N9 ATP H . 15.36 -17.69 -13.88
C8 ATP H . 14.05 -17.85 -14.30
N7 ATP H . 13.70 -19.11 -14.42
C5 ATP H . 14.86 -19.83 -14.10
C6 ATP H . 15.13 -21.20 -14.05
N6 ATP H . 14.25 -22.14 -14.36
N1 ATP H . 16.39 -21.56 -13.71
C2 ATP H . 17.28 -20.60 -13.43
N3 ATP H . 17.13 -19.27 -13.42
C4 ATP H . 15.88 -18.96 -13.78
N THR I . 10.12 -11.04 -11.40
CA THR I . 10.11 -9.95 -10.38
C THR I . 10.74 -10.44 -9.07
O THR I . 11.09 -11.61 -8.92
CB THR I . 8.68 -9.44 -10.08
OG1 THR I . 7.95 -10.41 -9.31
CG2 THR I . 7.89 -9.08 -11.31
OXT THR I . 10.87 -9.64 -8.11
MG MG J . 15.03 -8.07 -15.26
C ACT K . 18.09 -29.24 -1.68
O ACT K . 17.15 -29.82 -2.23
OXT ACT K . 18.78 -28.33 -2.21
CH3 ACT K . 18.44 -29.66 -0.26
H1 ACT K . 19.29 -30.15 -0.26
H2 ACT K . 17.75 -30.24 0.09
H3 ACT K . 18.53 -28.88 0.30
C ACT L . 32.17 17.08 -6.47
O ACT L . 30.95 16.88 -6.30
OXT ACT L . 32.82 16.72 -7.47
CH3 ACT L . 32.93 17.82 -5.36
O1 PG4 M . -10.76 9.21 -16.82
C1 PG4 M . -12.05 8.74 -17.17
C2 PG4 M . -12.02 7.31 -17.62
O2 PG4 M . -13.30 6.92 -18.11
C3 PG4 M . -13.38 5.55 -18.52
C4 PG4 M . -12.49 5.33 -19.72
O3 PG4 M . -12.98 4.27 -20.54
C5 PG4 M . -12.46 4.30 -21.86
C6 PG4 M . -12.50 2.95 -22.50
O4 PG4 M . -11.47 2.82 -23.47
C7 PG4 M . -11.56 3.77 -24.53
C8 PG4 M . -10.86 3.25 -25.76
O5 PG4 M . -10.08 2.11 -25.50
C ACT N . 14.53 3.09 -22.89
O ACT N . 14.16 4.26 -23.15
OXT ACT N . 14.29 2.54 -21.80
CH3 ACT N . 15.36 2.30 -23.91
C1 PEG O . -2.83 -17.04 0.13
O1 PEG O . -2.50 -16.00 -0.80
C2 PEG O . -1.69 -17.98 0.41
O2 PEG O . -2.17 -19.23 0.89
C3 PEG O . -2.31 -20.21 -0.14
C4 PEG O . -2.87 -21.51 0.42
O4 PEG O . -3.13 -22.49 -0.58
C1 GOL P . 8.14 3.14 -26.26
O1 GOL P . 7.89 3.52 -24.91
C2 GOL P . 9.60 3.27 -26.63
O2 GOL P . 9.82 4.47 -27.35
C3 GOL P . 10.53 3.18 -25.44
O3 GOL P . 11.43 2.10 -25.58
C1 GOL Q . -10.25 -22.41 -13.59
O1 GOL Q . -8.86 -22.12 -13.54
C2 GOL Q . -10.76 -22.61 -15.00
O2 GOL Q . -11.23 -21.38 -15.55
C3 GOL Q . -9.73 -23.21 -15.94
O3 GOL Q . -8.95 -24.21 -15.29
#